data_2VJJ
#
_entry.id   2VJJ
#
_cell.length_a   73.910
_cell.length_b   73.910
_cell.length_c   174.590
_cell.angle_alpha   90.00
_cell.angle_beta   90.00
_cell.angle_gamma   120.00
#
_symmetry.space_group_name_H-M   'P 3 2 1'
#
loop_
_entity.id
_entity.type
_entity.pdbx_description
1 polymer 'TAILSPIKE PROTEIN'
2 branched alpha-L-rhamnopyranose-(1-6)-alpha-D-glucopyranose-(1-4)-[2-acetamido-2-deoxy-beta-D-glucopyranose-(1-3)]beta-D-galactopyranose-(1-3)-[alpha-D-glucopyranose-(1-6)]2-acetamido-2-deoxy-beta-D-glucopyranose
3 non-polymer 'CALCIUM ION'
4 non-polymer 'CHLORIDE ION'
5 non-polymer 'POTASSIUM ION'
6 non-polymer GLYCEROL
7 water water
#
_entity_poly.entity_id   1
_entity_poly.type   'polypeptide(L)'
_entity_poly.pdbx_seq_one_letter_code
;DPDQFRAIIESPEGAGHVGYQYRRNTGSTMRMVSDVLDERVSLWDFHCDPSGNVIQPGPNVDSRQYLQAAIDYVSSNGGG
TITIPAGYTWYLGSYGVGGIAGHSGIIQLRSNVNLNIEGRIHLSPFFDLKPFQVFVGFDNGDPASSGNLENCHIYGHGVV
DFGGYEFGASSQLRNGVAFGRSYNCSVTGITFQNGDVTWAITLGWNGYGSNCYVRKCRFINLVNSSVNADHSTVYVNCPY
SGVESCYFSMSSSFARNIACSVELHQHDTFYRGSTVNGYCRGAYVVMHAAEAAGAGSYAYNMQVENNIAVIYGQFVILGS
DVTATVSGHLNDVIVSGNIVSIGERAAFSAPFGAFIDIGPDNSGASNVQDIQRVLVTGNSFYAPANITDSAAITLRANLN
GCTFIANNFDCRYMVYNAPGTTSPVVQNLVWDKSNVIGGTHANQRAGQNLFDMQFASVVNSTIEVQLSCEDLSMFSCILF
PASCQLSYSKITVDSAWTKSMSNTAVFEGNQQAGANVYVSYPATVNLTSYNTQGAVPFFSTDTNYAWVTSAYSLSINENL
DFSPPATYTNKANGQLVGVGYNEIGGVRSVSVRLMLQRQV
;
_entity_poly.pdbx_strand_id   A
#
loop_
_chem_comp.id
_chem_comp.type
_chem_comp.name
_chem_comp.formula
CA non-polymer 'CALCIUM ION' 'Ca 2'
CL non-polymer 'CHLORIDE ION' 'Cl -1'
GAL D-saccharide, beta linking beta-D-galactopyranose 'C6 H12 O6'
GLC D-saccharide, alpha linking alpha-D-glucopyranose 'C6 H12 O6'
GOL non-polymer GLYCEROL 'C3 H8 O3'
K non-polymer 'POTASSIUM ION' 'K 1'
NAG D-saccharide, beta linking 2-acetamido-2-deoxy-beta-D-glucopyranose 'C8 H15 N O6'
RAM L-saccharide, alpha linking alpha-L-rhamnopyranose 'C6 H12 O5'
#
# COMPACT_ATOMS: atom_id res chain seq x y z
N ASP A 3 -10.15 -40.58 58.73
CA ASP A 3 -11.19 -39.77 58.04
C ASP A 3 -11.23 -40.11 56.55
N GLN A 4 -12.21 -40.90 56.16
CA GLN A 4 -12.43 -41.25 54.75
C GLN A 4 -12.81 -40.01 53.93
N PHE A 5 -13.79 -39.25 54.43
CA PHE A 5 -14.25 -38.03 53.78
C PHE A 5 -13.10 -37.04 53.58
N ARG A 6 -12.29 -36.85 54.63
CA ARG A 6 -11.09 -36.02 54.56
C ARG A 6 -10.24 -36.39 53.34
N ALA A 7 -10.00 -37.68 53.19
CA ALA A 7 -9.20 -38.21 52.08
C ALA A 7 -9.82 -37.88 50.72
N ILE A 8 -11.14 -37.97 50.65
CA ILE A 8 -11.88 -37.69 49.42
C ILE A 8 -11.83 -36.20 49.10
N ILE A 9 -12.14 -35.39 50.10
CA ILE A 9 -12.22 -33.95 49.93
C ILE A 9 -10.87 -33.36 49.55
N GLU A 10 -9.80 -33.89 50.12
CA GLU A 10 -8.47 -33.38 49.85
C GLU A 10 -7.89 -33.93 48.56
N SER A 11 -8.56 -34.92 47.97
CA SER A 11 -8.15 -35.52 46.71
C SER A 11 -8.54 -34.61 45.55
N PRO A 12 -8.05 -34.90 44.34
CA PRO A 12 -8.50 -34.23 43.11
C PRO A 12 -9.97 -34.41 42.77
N GLU A 13 -10.63 -35.37 43.42
CA GLU A 13 -12.08 -35.54 43.31
C GLU A 13 -12.87 -34.68 44.32
N GLY A 14 -12.18 -34.03 45.25
CA GLY A 14 -12.83 -33.30 46.34
C GLY A 14 -13.90 -32.30 45.94
N ALA A 15 -13.62 -31.49 44.92
CA ALA A 15 -14.53 -30.44 44.46
C ALA A 15 -15.80 -31.01 43.86
N GLY A 16 -15.73 -32.26 43.40
CA GLY A 16 -16.88 -33.02 42.95
C GLY A 16 -17.81 -33.51 44.07
N HIS A 17 -17.40 -33.29 45.32
CA HIS A 17 -18.19 -33.67 46.49
C HIS A 17 -18.69 -32.46 47.29
N VAL A 18 -18.47 -31.26 46.77
CA VAL A 18 -18.94 -30.05 47.44
C VAL A 18 -20.05 -29.43 46.62
N GLY A 19 -21.27 -29.55 47.10
CA GLY A 19 -22.41 -29.03 46.38
C GLY A 19 -22.49 -27.51 46.34
N TYR A 20 -23.24 -27.02 45.36
CA TYR A 20 -23.39 -25.59 45.11
C TYR A 20 -24.68 -25.36 44.36
N GLN A 21 -25.31 -24.24 44.67
CA GLN A 21 -26.52 -23.78 44.00
C GLN A 21 -26.43 -22.26 43.94
N TYR A 22 -26.50 -21.73 42.72
CA TYR A 22 -26.32 -20.30 42.46
C TYR A 22 -27.13 -19.40 43.39
N ARG A 23 -26.40 -18.57 44.16
CA ARG A 23 -26.96 -17.59 45.07
C ARG A 23 -28.04 -18.17 45.99
N ARG A 24 -27.89 -19.45 46.32
CA ARG A 24 -28.86 -20.19 47.13
C ARG A 24 -30.27 -20.11 46.57
N ASN A 25 -30.37 -19.97 45.24
CA ASN A 25 -31.67 -19.96 44.57
C ASN A 25 -32.25 -21.37 44.49
N THR A 26 -33.40 -21.58 45.13
CA THR A 26 -34.05 -22.91 45.09
C THR A 26 -34.42 -23.35 43.67
N GLY A 27 -34.57 -22.38 42.78
CA GLY A 27 -34.85 -22.65 41.36
C GLY A 27 -33.63 -22.96 40.52
N SER A 28 -32.42 -22.90 41.10
CA SER A 28 -31.19 -23.15 40.36
C SER A 28 -30.73 -24.60 40.44
N THR A 29 -29.83 -24.95 39.52
CA THR A 29 -29.32 -26.29 39.41
C THR A 29 -28.48 -26.67 40.62
N MET A 30 -28.70 -27.87 41.12
CA MET A 30 -27.85 -28.44 42.15
C MET A 30 -26.59 -28.93 41.46
N ARG A 31 -25.48 -28.24 41.71
CA ARG A 31 -24.22 -28.53 41.06
C ARG A 31 -23.17 -28.92 42.07
N MET A 32 -22.01 -29.32 41.57
CA MET A 32 -20.81 -29.48 42.40
C MET A 32 -19.85 -28.38 42.03
N VAL A 33 -19.07 -27.94 43.01
CA VAL A 33 -18.05 -26.91 42.77
C VAL A 33 -17.19 -27.20 41.54
N SER A 34 -16.80 -28.47 41.34
CA SER A 34 -15.99 -28.86 40.18
C SER A 34 -16.67 -28.49 38.86
N ASP A 35 -17.99 -28.66 38.79
CA ASP A 35 -18.75 -28.34 37.56
C ASP A 35 -18.66 -26.87 37.20
N VAL A 36 -18.70 -26.01 38.22
CA VAL A 36 -18.64 -24.58 37.99
C VAL A 36 -17.20 -24.19 37.62
N LEU A 37 -16.21 -24.75 38.30
CA LEU A 37 -14.82 -24.48 37.95
C LEU A 37 -14.51 -24.94 36.53
N ASP A 38 -15.18 -25.99 36.08
CA ASP A 38 -15.02 -26.52 34.73
C ASP A 38 -15.56 -25.59 33.65
N GLU A 39 -16.30 -24.55 34.02
CA GLU A 39 -16.79 -23.56 33.05
C GLU A 39 -15.65 -22.72 32.48
N ARG A 40 -14.50 -22.70 33.13
CA ARG A 40 -13.33 -22.04 32.57
C ARG A 40 -12.16 -23.02 32.56
N VAL A 41 -11.08 -22.62 31.88
CA VAL A 41 -9.89 -23.44 31.74
C VAL A 41 -8.71 -22.53 31.44
N SER A 42 -7.54 -22.88 31.99
CA SER A 42 -6.34 -22.09 31.77
C SER A 42 -5.15 -23.01 31.59
N LEU A 43 -4.03 -22.43 31.19
CA LEU A 43 -2.80 -23.20 31.07
C LEU A 43 -2.43 -23.90 32.39
N TRP A 44 -2.80 -23.33 33.53
CA TRP A 44 -2.51 -23.98 34.81
C TRP A 44 -3.11 -25.37 34.91
N ASP A 45 -4.20 -25.63 34.18
CA ASP A 45 -4.84 -26.95 34.23
C ASP A 45 -4.10 -28.05 33.48
N PHE A 46 -3.07 -27.68 32.72
CA PHE A 46 -2.25 -28.65 31.95
C PHE A 46 -0.75 -28.48 32.17
N HIS A 47 -0.35 -27.47 32.95
CA HIS A 47 1.05 -27.12 33.11
C HIS A 47 1.62 -27.87 34.33
N CYS A 48 1.73 -29.19 34.20
CA CYS A 48 2.04 -30.08 35.31
C CYS A 48 2.93 -31.20 34.85
N ASP A 49 3.64 -31.82 35.79
CA ASP A 49 4.50 -32.95 35.46
C ASP A 49 3.63 -34.21 35.24
N PRO A 50 4.25 -35.35 34.87
CA PRO A 50 3.48 -36.56 34.63
C PRO A 50 2.72 -37.11 35.85
N SER A 51 3.06 -36.66 37.06
CA SER A 51 2.35 -37.05 38.27
C SER A 51 1.21 -36.08 38.61
N GLY A 52 1.05 -35.02 37.81
CA GLY A 52 -0.01 -34.03 38.03
C GLY A 52 0.38 -32.84 38.91
N ASN A 53 1.65 -32.76 39.28
CA ASN A 53 2.12 -31.64 40.09
C ASN A 53 2.41 -30.43 39.23
N VAL A 54 1.90 -29.27 39.65
CA VAL A 54 2.10 -28.03 38.88
C VAL A 54 3.59 -27.75 38.70
N ILE A 55 3.93 -27.23 37.53
CA ILE A 55 5.26 -26.72 37.23
C ILE A 55 5.11 -25.21 37.04
N GLN A 56 5.93 -24.43 37.73
CA GLN A 56 5.96 -22.98 37.52
C GLN A 56 6.64 -22.66 36.19
N PRO A 57 6.07 -21.71 35.42
CA PRO A 57 6.72 -21.31 34.18
C PRO A 57 7.95 -20.46 34.47
N GLY A 58 8.81 -20.33 33.48
CA GLY A 58 10.01 -19.51 33.62
C GLY A 58 10.98 -19.77 32.50
N PRO A 59 12.07 -18.99 32.45
CA PRO A 59 13.00 -19.11 31.33
C PRO A 59 13.65 -20.47 31.22
N ASN A 60 13.58 -21.29 32.28
CA ASN A 60 14.18 -22.62 32.28
C ASN A 60 13.15 -23.74 32.13
N VAL A 61 11.94 -23.38 31.72
CA VAL A 61 10.85 -24.33 31.51
C VAL A 61 10.27 -24.13 30.13
N ASP A 62 10.10 -25.23 29.40
CA ASP A 62 9.45 -25.24 28.10
C ASP A 62 7.98 -25.53 28.29
N SER A 63 7.14 -24.52 28.05
CA SER A 63 5.71 -24.63 28.25
C SER A 63 4.96 -25.23 27.05
N ARG A 64 5.69 -25.48 25.96
CA ARG A 64 5.04 -25.92 24.72
C ARG A 64 4.11 -27.12 24.90
N GLN A 65 4.63 -28.23 25.43
CA GLN A 65 3.83 -29.46 25.47
C GLN A 65 2.56 -29.29 26.30
N TYR A 66 2.64 -28.45 27.33
CA TYR A 66 1.51 -28.21 28.24
C TYR A 66 0.43 -27.39 27.54
N LEU A 67 0.83 -26.37 26.79
CA LEU A 67 -0.14 -25.58 26.04
C LEU A 67 -0.78 -26.45 24.95
N GLN A 68 0.02 -27.29 24.31
CA GLN A 68 -0.51 -28.18 23.29
C GLN A 68 -1.49 -29.16 23.90
N ALA A 69 -1.16 -29.71 25.07
CA ALA A 69 -2.08 -30.60 25.79
C ALA A 69 -3.44 -29.94 26.10
N ALA A 70 -3.41 -28.67 26.51
CA ALA A 70 -4.63 -27.90 26.77
C ALA A 70 -5.48 -27.75 25.50
N ILE A 71 -4.85 -27.32 24.41
CA ILE A 71 -5.53 -27.14 23.13
C ILE A 71 -6.16 -28.46 22.64
N ASP A 72 -5.39 -29.54 22.75
CA ASP A 72 -5.82 -30.85 22.26
C ASP A 72 -7.02 -31.32 23.07
N TYR A 73 -6.94 -31.19 24.39
CA TYR A 73 -8.04 -31.59 25.26
C TYR A 73 -9.30 -30.78 24.99
N VAL A 74 -9.19 -29.45 24.95
CA VAL A 74 -10.38 -28.62 24.77
C VAL A 74 -11.00 -28.88 23.41
N SER A 75 -10.15 -29.07 22.40
CA SER A 75 -10.58 -29.47 21.06
C SER A 75 -11.46 -30.72 21.12
N SER A 76 -11.00 -31.70 21.90
CA SER A 76 -11.75 -32.96 22.15
C SER A 76 -13.17 -32.76 22.68
N ASN A 77 -13.40 -31.74 23.48
CA ASN A 77 -14.72 -31.50 24.08
C ASN A 77 -15.57 -30.45 23.38
N GLY A 78 -15.27 -30.17 22.12
CA GLY A 78 -16.09 -29.29 21.31
C GLY A 78 -15.71 -27.83 21.39
N GLY A 79 -14.57 -27.56 22.02
CA GLY A 79 -14.03 -26.22 22.02
C GLY A 79 -14.30 -25.41 23.28
N GLY A 80 -13.82 -24.17 23.24
CA GLY A 80 -13.83 -23.27 24.36
C GLY A 80 -12.65 -22.32 24.26
N THR A 81 -12.37 -21.62 25.35
CA THR A 81 -11.32 -20.62 25.41
C THR A 81 -10.37 -20.96 26.55
N ILE A 82 -9.09 -21.05 26.22
CA ILE A 82 -8.02 -21.29 27.19
C ILE A 82 -7.35 -19.97 27.52
N THR A 83 -7.30 -19.63 28.80
CA THR A 83 -6.61 -18.42 29.23
C THR A 83 -5.14 -18.74 29.48
N ILE A 84 -4.27 -17.85 28.97
CA ILE A 84 -2.83 -17.85 29.31
C ILE A 84 -2.69 -16.77 30.36
N PRO A 85 -2.55 -17.16 31.63
CA PRO A 85 -2.71 -16.22 32.75
C PRO A 85 -1.77 -15.02 32.77
N ALA A 86 -2.33 -13.86 33.16
CA ALA A 86 -1.55 -12.66 33.44
C ALA A 86 -0.62 -12.87 34.62
N GLY A 87 0.45 -12.10 34.64
CA GLY A 87 1.36 -12.09 35.77
C GLY A 87 2.49 -13.09 35.68
N TYR A 88 2.55 -13.81 34.56
CA TYR A 88 3.58 -14.81 34.29
C TYR A 88 4.04 -14.69 32.84
N THR A 89 5.29 -15.08 32.61
CA THR A 89 5.82 -15.25 31.27
C THR A 89 5.99 -16.75 31.02
N TRP A 90 5.41 -17.20 29.92
CA TRP A 90 5.34 -18.59 29.55
C TRP A 90 6.27 -18.77 28.37
N TYR A 91 7.36 -19.51 28.58
CA TYR A 91 8.36 -19.66 27.53
C TYR A 91 8.16 -20.89 26.66
N LEU A 92 8.48 -20.76 25.39
CA LEU A 92 8.41 -21.85 24.41
C LEU A 92 9.82 -22.21 23.96
N GLY A 93 10.15 -23.50 23.96
CA GLY A 93 11.53 -23.93 23.79
C GLY A 93 11.80 -25.16 22.94
N SER A 94 10.84 -25.54 22.11
CA SER A 94 10.97 -26.70 21.25
C SER A 94 9.98 -26.60 20.12
N TYR A 95 10.19 -27.38 19.09
CA TYR A 95 9.24 -27.48 18.00
C TYR A 95 8.11 -28.45 18.33
N GLY A 96 6.95 -28.23 17.72
CA GLY A 96 5.87 -29.19 17.73
C GLY A 96 6.10 -30.30 16.72
N VAL A 97 5.12 -31.21 16.65
CA VAL A 97 5.22 -32.43 15.85
C VAL A 97 4.06 -32.57 14.91
N GLY A 98 4.16 -33.56 14.02
CA GLY A 98 3.07 -33.86 13.11
C GLY A 98 2.90 -32.84 11.99
N GLY A 99 1.66 -32.44 11.75
CA GLY A 99 1.30 -31.59 10.64
C GLY A 99 1.97 -30.23 10.60
N ILE A 100 2.34 -29.71 11.76
CA ILE A 100 2.95 -28.37 11.81
C ILE A 100 4.46 -28.40 11.61
N ALA A 101 5.06 -29.59 11.58
CA ALA A 101 6.51 -29.74 11.40
C ALA A 101 6.96 -29.15 10.08
N GLY A 102 6.12 -29.31 9.06
CA GLY A 102 6.34 -28.72 7.73
C GLY A 102 6.25 -27.21 7.67
N HIS A 103 5.91 -26.59 8.80
CA HIS A 103 5.76 -25.14 8.91
C HIS A 103 6.62 -24.60 10.07
N SER A 104 7.66 -25.35 10.45
CA SER A 104 8.50 -25.00 11.60
C SER A 104 7.69 -24.64 12.82
N GLY A 105 6.61 -25.39 13.04
CA GLY A 105 5.61 -24.95 13.98
C GLY A 105 5.97 -25.25 15.40
N ILE A 106 5.55 -24.36 16.31
CA ILE A 106 5.69 -24.57 17.73
C ILE A 106 4.38 -25.12 18.32
N ILE A 107 3.29 -24.37 18.20
CA ILE A 107 1.97 -24.76 18.71
C ILE A 107 0.99 -25.00 17.56
N GLN A 108 0.19 -26.05 17.65
CA GLN A 108 -0.85 -26.29 16.67
C GLN A 108 -2.19 -25.78 17.18
N LEU A 109 -2.78 -24.82 16.45
CA LEU A 109 -4.12 -24.33 16.75
C LEU A 109 -5.14 -25.37 16.28
N ARG A 110 -6.29 -25.42 16.97
CA ARG A 110 -7.37 -26.30 16.56
C ARG A 110 -8.69 -25.56 16.52
N SER A 111 -9.60 -26.06 15.69
CA SER A 111 -10.85 -25.36 15.48
C SER A 111 -11.65 -25.24 16.76
N ASN A 112 -12.34 -24.12 16.89
CA ASN A 112 -13.21 -23.84 18.04
C ASN A 112 -12.50 -23.72 19.38
N VAL A 113 -11.17 -23.69 19.35
CA VAL A 113 -10.36 -23.45 20.55
C VAL A 113 -9.69 -22.09 20.47
N ASN A 114 -10.16 -21.18 21.32
CA ASN A 114 -9.66 -19.81 21.39
C ASN A 114 -8.58 -19.71 22.43
N LEU A 115 -7.69 -18.74 22.26
CA LEU A 115 -6.66 -18.44 23.24
C LEU A 115 -6.85 -17.03 23.76
N ASN A 116 -7.13 -16.92 25.05
CA ASN A 116 -7.18 -15.64 25.73
C ASN A 116 -5.83 -15.36 26.37
N ILE A 117 -4.96 -14.66 25.64
CA ILE A 117 -3.59 -14.43 26.08
C ILE A 117 -3.55 -13.17 26.93
N GLU A 118 -3.50 -13.32 28.26
CA GLU A 118 -3.42 -12.17 29.16
C GLU A 118 -2.01 -11.93 29.68
N GLY A 119 -1.23 -13.00 29.75
CA GLY A 119 0.17 -12.91 30.09
C GLY A 119 1.09 -12.80 28.88
N ARG A 120 2.35 -13.15 29.09
CA ARG A 120 3.38 -13.04 28.07
C ARG A 120 3.84 -14.40 27.59
N ILE A 121 4.04 -14.52 26.29
CA ILE A 121 4.60 -15.72 25.67
C ILE A 121 5.93 -15.31 25.05
N HIS A 122 6.99 -16.05 25.36
CA HIS A 122 8.36 -15.63 25.04
C HIS A 122 9.15 -16.79 24.48
N LEU A 123 9.83 -16.57 23.37
CA LEU A 123 10.65 -17.63 22.75
C LEU A 123 11.99 -17.75 23.44
N SER A 124 12.36 -18.98 23.78
CA SER A 124 13.63 -19.29 24.41
C SER A 124 14.76 -19.37 23.38
N PRO A 125 16.03 -19.31 23.85
CA PRO A 125 17.21 -19.30 22.98
C PRO A 125 17.38 -20.52 22.06
N PHE A 126 16.68 -21.62 22.34
CA PHE A 126 16.56 -22.74 21.38
C PHE A 126 16.29 -22.26 19.96
N PHE A 127 15.50 -21.19 19.82
CA PHE A 127 15.08 -20.70 18.52
C PHE A 127 16.02 -19.71 17.87
N ASP A 128 17.11 -19.36 18.57
CA ASP A 128 18.10 -18.46 18.00
C ASP A 128 18.65 -19.06 16.68
N LEU A 129 18.72 -18.22 15.67
CA LEU A 129 19.21 -18.56 14.34
C LEU A 129 18.41 -19.66 13.64
N LYS A 130 17.19 -19.95 14.10
CA LYS A 130 16.37 -21.00 13.49
C LYS A 130 15.05 -20.45 12.94
N PRO A 131 14.42 -21.18 12.01
CA PRO A 131 13.07 -20.78 11.62
C PRO A 131 12.02 -21.16 12.67
N PHE A 132 10.89 -20.45 12.68
CA PHE A 132 9.78 -20.84 13.56
C PHE A 132 8.48 -20.19 13.11
N GLN A 133 7.37 -20.89 13.32
CA GLN A 133 6.03 -20.29 13.21
C GLN A 133 5.33 -20.64 14.49
N VAL A 134 5.03 -19.63 15.31
CA VAL A 134 4.71 -19.89 16.71
C VAL A 134 3.38 -20.65 16.85
N PHE A 135 2.36 -20.17 16.14
CA PHE A 135 1.03 -20.78 16.15
C PHE A 135 0.64 -21.10 14.73
N VAL A 136 0.32 -22.38 14.48
CA VAL A 136 0.04 -22.87 13.13
C VAL A 136 -1.31 -23.58 13.09
N GLY A 137 -2.17 -23.19 12.17
CA GLY A 137 -3.49 -23.77 12.02
C GLY A 137 -3.58 -24.80 10.92
N PHE A 138 -2.55 -24.94 10.08
CA PHE A 138 -2.45 -26.07 9.16
C PHE A 138 -2.36 -27.36 9.99
N ASP A 139 -2.90 -28.46 9.46
CA ASP A 139 -2.80 -29.78 10.12
C ASP A 139 -2.03 -30.79 9.27
N ASN A 140 -1.38 -30.31 8.23
CA ASN A 140 -0.56 -31.13 7.35
C ASN A 140 0.60 -30.26 6.87
N GLY A 141 1.77 -30.88 6.71
CA GLY A 141 2.96 -30.16 6.24
C GLY A 141 2.80 -29.57 4.86
N ASP A 142 1.97 -30.21 4.06
CA ASP A 142 1.60 -29.72 2.74
C ASP A 142 0.27 -28.99 2.87
N PRO A 143 0.29 -27.66 2.69
CA PRO A 143 -0.96 -26.92 2.86
C PRO A 143 -2.09 -27.37 1.93
N ALA A 144 -1.75 -27.85 0.73
CA ALA A 144 -2.74 -28.42 -0.19
C ALA A 144 -3.51 -29.63 0.39
N SER A 145 -2.87 -30.35 1.31
CA SER A 145 -3.48 -31.52 1.94
C SER A 145 -4.03 -31.24 3.35
N SER A 146 -3.91 -29.99 3.79
CA SER A 146 -4.39 -29.60 5.11
C SER A 146 -5.90 -29.43 5.19
N GLY A 147 -6.44 -29.79 6.35
CA GLY A 147 -7.81 -29.47 6.70
C GLY A 147 -7.89 -27.99 7.05
N ASN A 148 -9.11 -27.55 7.39
CA ASN A 148 -9.36 -26.14 7.71
C ASN A 148 -9.24 -25.86 9.19
N LEU A 149 -8.92 -24.62 9.53
CA LEU A 149 -9.05 -24.14 10.88
C LEU A 149 -10.23 -23.23 10.89
N GLU A 150 -11.17 -23.48 11.79
CA GLU A 150 -12.40 -22.69 11.89
C GLU A 150 -12.60 -22.18 13.30
N ASN A 151 -13.13 -20.96 13.42
CA ASN A 151 -13.61 -20.43 14.69
C ASN A 151 -12.52 -20.42 15.76
N CYS A 152 -11.39 -19.84 15.41
CA CYS A 152 -10.24 -19.76 16.29
C CYS A 152 -9.87 -18.31 16.48
N HIS A 153 -10.02 -17.83 17.71
CA HIS A 153 -9.79 -16.43 18.03
C HIS A 153 -8.71 -16.33 19.11
N ILE A 154 -7.73 -15.48 18.87
CA ILE A 154 -6.68 -15.18 19.83
C ILE A 154 -6.89 -13.74 20.25
N TYR A 155 -7.04 -13.51 21.54
CA TYR A 155 -7.30 -12.16 22.03
C TYR A 155 -6.82 -11.95 23.45
N GLY A 156 -6.78 -10.70 23.87
CA GLY A 156 -6.42 -10.37 25.23
C GLY A 156 -5.48 -9.21 25.27
N HIS A 157 -4.93 -8.93 26.45
CA HIS A 157 -4.03 -7.81 26.63
C HIS A 157 -2.55 -8.25 26.65
N GLY A 158 -2.29 -9.51 26.34
CA GLY A 158 -0.96 -10.08 26.45
C GLY A 158 -0.06 -9.83 25.27
N VAL A 159 1.03 -10.57 25.26
CA VAL A 159 2.20 -10.27 24.46
C VAL A 159 2.80 -11.54 23.88
N VAL A 160 3.19 -11.47 22.61
CA VAL A 160 4.00 -12.51 21.98
C VAL A 160 5.37 -11.89 21.69
N ASP A 161 6.41 -12.40 22.36
CA ASP A 161 7.75 -11.83 22.30
C ASP A 161 8.67 -12.81 21.60
N PHE A 162 9.27 -12.40 20.49
CA PHE A 162 10.04 -13.33 19.64
C PHE A 162 11.50 -13.48 20.10
N GLY A 163 11.83 -12.93 21.26
CA GLY A 163 13.11 -13.15 21.91
C GLY A 163 14.29 -12.37 21.36
N GLY A 164 14.05 -11.52 20.36
CA GLY A 164 15.11 -10.70 19.78
C GLY A 164 16.06 -11.42 18.82
N TYR A 165 15.89 -12.71 18.62
CA TYR A 165 16.90 -13.51 17.90
C TYR A 165 16.91 -13.14 16.43
N GLU A 166 18.12 -12.99 15.88
CA GLU A 166 18.28 -12.72 14.47
C GLU A 166 17.99 -13.99 13.69
N PHE A 167 17.59 -13.82 12.45
CA PHE A 167 17.59 -14.91 11.47
C PHE A 167 18.97 -15.56 11.35
N GLY A 168 18.97 -16.88 11.17
CA GLY A 168 20.20 -17.60 10.89
C GLY A 168 20.58 -17.60 9.42
N ALA A 169 19.59 -17.53 8.54
CA ALA A 169 19.80 -17.55 7.10
C ALA A 169 18.62 -16.86 6.44
N SER A 170 18.89 -16.20 5.32
CA SER A 170 17.86 -15.44 4.62
C SER A 170 16.72 -16.29 4.09
N SER A 171 17.02 -17.56 3.81
CA SER A 171 16.05 -18.51 3.30
C SER A 171 15.08 -19.03 4.35
N GLN A 172 15.35 -18.77 5.62
CA GLN A 172 14.45 -19.20 6.69
C GLN A 172 13.17 -18.35 6.69
N LEU A 173 12.10 -18.92 7.25
CA LEU A 173 10.84 -18.18 7.46
C LEU A 173 10.51 -18.17 8.94
N ARG A 174 9.92 -17.06 9.38
CA ARG A 174 9.44 -16.91 10.74
C ARG A 174 8.11 -16.18 10.73
N ASN A 175 7.22 -16.64 11.59
CA ASN A 175 5.85 -16.13 11.68
C ASN A 175 5.39 -16.22 13.13
N GLY A 176 4.41 -15.38 13.46
CA GLY A 176 3.73 -15.44 14.76
C GLY A 176 2.53 -16.37 14.72
N VAL A 177 1.55 -16.03 13.89
CA VAL A 177 0.35 -16.82 13.74
C VAL A 177 0.14 -17.09 12.26
N ALA A 178 0.24 -18.37 11.87
CA ALA A 178 -0.26 -18.81 10.57
C ALA A 178 -1.61 -19.49 10.76
N PHE A 179 -2.71 -18.82 10.45
CA PHE A 179 -4.01 -19.43 10.70
C PHE A 179 -4.29 -20.60 9.76
N GLY A 180 -3.65 -20.61 8.58
CA GLY A 180 -3.79 -21.73 7.67
C GLY A 180 -4.97 -21.52 6.74
N ARG A 181 -5.68 -22.61 6.44
CA ARG A 181 -6.87 -22.52 5.60
C ARG A 181 -8.02 -22.14 6.53
N SER A 182 -8.14 -20.83 6.73
CA SER A 182 -8.72 -20.30 7.95
C SER A 182 -10.06 -19.59 7.74
N TYR A 183 -11.07 -20.02 8.49
CA TYR A 183 -12.43 -19.52 8.35
C TYR A 183 -12.94 -19.05 9.73
N ASN A 184 -13.25 -17.77 9.83
CA ASN A 184 -13.68 -17.14 11.08
C ASN A 184 -12.59 -17.26 12.15
N CYS A 185 -11.41 -16.73 11.83
CA CYS A 185 -10.32 -16.65 12.80
C CYS A 185 -9.88 -15.21 12.97
N SER A 186 -9.35 -14.86 14.14
CA SER A 186 -9.00 -13.47 14.38
C SER A 186 -7.96 -13.34 15.47
N VAL A 187 -7.21 -12.24 15.42
CA VAL A 187 -6.33 -11.82 16.51
C VAL A 187 -6.73 -10.39 16.91
N THR A 188 -6.95 -10.17 18.20
CA THR A 188 -7.45 -8.90 18.70
C THR A 188 -6.70 -8.51 19.97
N GLY A 189 -6.11 -7.32 19.99
CA GLY A 189 -5.55 -6.76 21.24
C GLY A 189 -4.11 -7.14 21.60
N ILE A 190 -3.52 -8.04 20.84
CA ILE A 190 -2.24 -8.64 21.17
C ILE A 190 -1.09 -7.77 20.66
N THR A 191 -0.01 -7.71 21.45
CA THR A 191 1.25 -7.06 21.09
C THR A 191 2.25 -8.12 20.66
N PHE A 192 2.75 -7.98 19.44
CA PHE A 192 3.79 -8.82 18.86
C PHE A 192 5.05 -7.95 18.84
N GLN A 193 6.13 -8.42 19.46
CA GLN A 193 7.31 -7.55 19.61
C GLN A 193 8.64 -8.30 19.62
N ASN A 194 9.71 -7.55 19.34
CA ASN A 194 11.09 -7.95 19.63
CA ASN A 194 11.07 -7.98 19.67
C ASN A 194 11.53 -9.19 18.86
N GLY A 195 11.59 -9.04 17.55
CA GLY A 195 11.95 -10.15 16.69
C GLY A 195 12.63 -9.75 15.40
N ASP A 196 13.00 -10.80 14.67
CA ASP A 196 13.49 -10.71 13.31
C ASP A 196 12.67 -11.77 12.55
N VAL A 197 11.54 -11.38 11.95
CA VAL A 197 10.58 -12.36 11.43
C VAL A 197 10.16 -11.99 10.02
N THR A 198 9.57 -12.95 9.31
CA THR A 198 9.06 -12.72 7.97
C THR A 198 7.70 -12.03 8.04
N TRP A 199 6.83 -12.60 8.87
CA TRP A 199 5.47 -12.09 9.12
C TRP A 199 5.20 -12.17 10.60
N ALA A 200 4.28 -11.34 11.10
CA ALA A 200 3.73 -11.57 12.43
C ALA A 200 2.50 -12.47 12.31
N ILE A 201 1.67 -12.22 11.30
CA ILE A 201 0.41 -12.96 11.12
C ILE A 201 0.16 -13.19 9.64
N THR A 202 -0.22 -14.43 9.28
CA THR A 202 -0.74 -14.71 7.94
C THR A 202 -2.17 -15.27 8.06
N LEU A 203 -3.03 -14.83 7.16
CA LEU A 203 -4.44 -15.23 7.12
C LEU A 203 -4.67 -15.99 5.83
N GLY A 204 -5.25 -17.18 5.93
CA GLY A 204 -5.60 -17.92 4.74
C GLY A 204 -4.40 -18.58 4.09
N TRP A 205 -4.69 -19.34 3.03
CA TRP A 205 -3.67 -19.95 2.20
C TRP A 205 -4.17 -19.99 0.77
N ASN A 206 -3.51 -19.24 -0.10
CA ASN A 206 -3.84 -19.21 -1.52
C ASN A 206 -5.33 -19.16 -1.81
N GLY A 207 -6.02 -18.26 -1.12
CA GLY A 207 -7.42 -17.96 -1.36
C GLY A 207 -8.41 -18.80 -0.57
N TYR A 208 -7.89 -19.82 0.13
CA TYR A 208 -8.70 -20.66 1.00
C TYR A 208 -8.77 -20.01 2.37
N GLY A 209 -10.00 -19.72 2.80
CA GLY A 209 -10.27 -19.09 4.05
C GLY A 209 -11.33 -18.02 3.88
N SER A 210 -11.79 -17.45 4.99
CA SER A 210 -12.79 -16.38 4.96
C SER A 210 -12.92 -15.76 6.34
N ASN A 211 -13.33 -14.49 6.38
CA ASN A 211 -13.67 -13.82 7.65
C ASN A 211 -12.56 -13.97 8.68
N CYS A 212 -11.37 -13.56 8.29
CA CYS A 212 -10.23 -13.49 9.17
C CYS A 212 -9.80 -12.04 9.36
N TYR A 213 -9.57 -11.64 10.61
CA TYR A 213 -9.40 -10.24 10.95
C TYR A 213 -8.33 -10.04 12.01
N VAL A 214 -7.58 -8.94 11.88
CA VAL A 214 -6.55 -8.52 12.84
C VAL A 214 -6.98 -7.12 13.26
N ARG A 215 -7.25 -6.94 14.54
CA ARG A 215 -7.81 -5.73 15.06
C ARG A 215 -7.13 -5.34 16.38
N LYS A 216 -6.80 -4.05 16.52
CA LYS A 216 -6.29 -3.50 17.77
C LYS A 216 -5.04 -4.21 18.26
N CYS A 217 -4.22 -4.68 17.30
CA CYS A 217 -2.96 -5.30 17.64
C CYS A 217 -1.82 -4.29 17.47
N ARG A 218 -0.73 -4.52 18.20
CA ARG A 218 0.51 -3.77 18.03
C ARG A 218 1.59 -4.69 17.52
N PHE A 219 2.42 -4.16 16.62
CA PHE A 219 3.53 -4.88 16.05
C PHE A 219 4.75 -3.98 16.19
N ILE A 220 5.70 -4.37 17.03
CA ILE A 220 6.79 -3.49 17.44
C ILE A 220 8.14 -4.15 17.30
N ASN A 221 8.97 -3.59 16.42
CA ASN A 221 10.38 -4.00 16.28
C ASN A 221 10.51 -5.47 15.88
N LEU A 222 9.97 -5.81 14.72
CA LEU A 222 9.94 -7.18 14.23
C LEU A 222 10.91 -7.48 13.10
N VAL A 223 11.78 -6.52 12.78
CA VAL A 223 12.94 -6.75 11.91
C VAL A 223 14.16 -6.15 12.59
N ASN A 224 15.25 -6.91 12.70
CA ASN A 224 16.44 -6.37 13.35
C ASN A 224 17.79 -6.73 12.75
N SER A 225 17.83 -7.46 11.64
CA SER A 225 19.11 -7.90 11.07
C SER A 225 19.19 -7.76 9.56
N SER A 226 20.42 -7.73 9.06
CA SER A 226 20.67 -7.72 7.61
C SER A 226 20.40 -9.06 6.95
N VAL A 227 20.30 -10.12 7.75
CA VAL A 227 20.02 -11.45 7.22
C VAL A 227 18.57 -11.58 6.78
N ASN A 228 17.67 -10.83 7.44
CA ASN A 228 16.26 -10.89 7.11
C ASN A 228 16.04 -10.51 5.65
N ALA A 229 15.47 -11.43 4.87
CA ALA A 229 15.30 -11.25 3.43
C ALA A 229 14.19 -10.27 3.06
N ASP A 230 13.14 -10.24 3.86
CA ASP A 230 11.89 -9.59 3.45
C ASP A 230 10.92 -9.72 4.62
N HIS A 231 10.04 -8.74 4.76
CA HIS A 231 9.05 -8.74 5.85
C HIS A 231 7.76 -8.03 5.46
N SER A 232 6.63 -8.69 5.74
CA SER A 232 5.32 -8.04 5.75
CA SER A 232 5.34 -8.00 5.77
C SER A 232 4.61 -8.44 7.03
N THR A 233 4.15 -7.47 7.81
CA THR A 233 3.66 -7.79 9.14
C THR A 233 2.42 -8.67 9.13
N VAL A 234 1.45 -8.28 8.31
CA VAL A 234 0.26 -9.10 8.13
C VAL A 234 0.03 -9.39 6.64
N TYR A 235 -0.08 -10.68 6.29
CA TYR A 235 -0.28 -11.09 4.90
C TYR A 235 -1.68 -11.69 4.79
N VAL A 236 -2.55 -11.03 4.03
CA VAL A 236 -3.96 -11.45 3.95
C VAL A 236 -4.15 -12.24 2.65
N ASN A 237 -4.27 -13.57 2.80
CA ASN A 237 -4.34 -14.48 1.66
C ASN A 237 -5.63 -15.30 1.63
N CYS A 238 -6.71 -14.72 2.16
CA CYS A 238 -8.06 -15.23 1.99
C CYS A 238 -9.01 -14.05 1.84
N PRO A 239 -10.15 -14.25 1.13
CA PRO A 239 -11.12 -13.18 0.95
C PRO A 239 -11.92 -12.84 2.21
N TYR A 240 -12.65 -11.72 2.14
CA TYR A 240 -13.56 -11.29 3.21
C TYR A 240 -12.83 -11.19 4.55
N SER A 241 -11.68 -10.53 4.51
CA SER A 241 -10.72 -10.51 5.61
C SER A 241 -9.96 -9.20 5.62
N GLY A 242 -9.33 -8.87 6.74
CA GLY A 242 -8.59 -7.61 6.77
C GLY A 242 -8.00 -7.23 8.10
N VAL A 243 -7.46 -6.01 8.11
CA VAL A 243 -6.69 -5.44 9.22
C VAL A 243 -7.28 -4.08 9.51
N GLU A 244 -7.59 -3.82 10.78
CA GLU A 244 -8.28 -2.62 11.18
C GLU A 244 -7.72 -2.13 12.50
N SER A 245 -7.47 -0.83 12.62
CA SER A 245 -7.12 -0.21 13.90
C SER A 245 -5.92 -0.83 14.59
N CYS A 246 -4.84 -1.04 13.82
CA CYS A 246 -3.60 -1.61 14.36
C CYS A 246 -2.49 -0.56 14.38
N TYR A 247 -1.42 -0.90 15.09
CA TYR A 247 -0.24 -0.04 15.21
C TYR A 247 0.99 -0.83 14.82
N PHE A 248 1.80 -0.25 13.94
CA PHE A 248 2.99 -0.91 13.41
C PHE A 248 4.18 0.04 13.59
N SER A 249 5.23 -0.41 14.28
CA SER A 249 6.43 0.39 14.46
C SER A 249 7.70 -0.44 14.29
N MET A 250 8.66 0.14 13.59
CA MET A 250 10.00 -0.44 13.49
C MET A 250 11.01 0.62 13.82
N SER A 251 12.15 0.21 14.36
CA SER A 251 13.26 1.14 14.63
C SER A 251 14.54 0.83 13.84
N SER A 252 14.65 -0.36 13.28
CA SER A 252 15.89 -0.77 12.61
C SER A 252 16.05 -0.12 11.24
N SER A 253 17.31 0.14 10.86
CA SER A 253 17.61 0.62 9.53
C SER A 253 17.16 -0.34 8.47
N PHE A 254 17.28 -1.64 8.76
CA PHE A 254 16.91 -2.69 7.81
C PHE A 254 15.43 -2.65 7.44
N ALA A 255 14.59 -2.34 8.42
CA ALA A 255 13.14 -2.26 8.19
C ALA A 255 12.78 -1.19 7.17
N ARG A 256 13.59 -0.13 7.13
CA ARG A 256 13.33 0.99 6.22
C ARG A 256 13.57 0.61 4.77
N ASN A 257 14.23 -0.53 4.56
CA ASN A 257 14.51 -1.05 3.25
C ASN A 257 13.75 -2.31 2.89
N ILE A 258 13.29 -3.10 3.87
CA ILE A 258 12.66 -4.41 3.58
C ILE A 258 11.23 -4.60 4.11
N ALA A 259 10.76 -3.75 5.01
CA ALA A 259 9.52 -4.06 5.75
C ALA A 259 8.28 -3.35 5.25
N CYS A 260 7.21 -4.12 5.08
CA CYS A 260 5.88 -3.63 4.68
C CYS A 260 4.88 -3.95 5.81
N SER A 261 3.87 -3.10 6.04
CA SER A 261 2.97 -3.35 7.17
C SER A 261 1.92 -4.43 6.85
N VAL A 262 1.28 -4.33 5.68
CA VAL A 262 0.19 -5.24 5.33
C VAL A 262 0.25 -5.62 3.86
N GLU A 263 -0.22 -6.82 3.51
CA GLU A 263 -0.42 -7.19 2.11
C GLU A 263 -1.81 -7.76 1.96
N LEU A 264 -2.50 -7.30 0.93
CA LEU A 264 -3.85 -7.76 0.58
C LEU A 264 -3.75 -8.51 -0.74
N HIS A 265 -4.03 -9.82 -0.69
CA HIS A 265 -3.76 -10.72 -1.81
C HIS A 265 -5.00 -11.45 -2.35
N GLN A 266 -6.17 -11.14 -1.81
CA GLN A 266 -7.42 -11.76 -2.26
C GLN A 266 -8.57 -10.76 -2.22
N HIS A 267 -9.66 -11.09 -2.92
CA HIS A 267 -10.79 -10.16 -3.03
C HIS A 267 -11.51 -9.86 -1.71
N ASP A 268 -12.12 -8.69 -1.66
CA ASP A 268 -12.91 -8.27 -0.50
C ASP A 268 -12.04 -8.26 0.74
N THR A 269 -10.91 -7.56 0.65
CA THR A 269 -10.01 -7.40 1.79
C THR A 269 -9.73 -5.93 2.02
N PHE A 270 -9.32 -5.61 3.23
CA PHE A 270 -9.21 -4.23 3.65
C PHE A 270 -8.08 -4.02 4.62
N TYR A 271 -7.60 -2.79 4.62
CA TYR A 271 -6.57 -2.30 5.54
C TYR A 271 -6.99 -0.89 5.93
N ARG A 272 -7.50 -0.72 7.16
CA ARG A 272 -8.08 0.54 7.55
C ARG A 272 -7.63 1.01 8.92
N GLY A 273 -7.60 2.34 9.08
CA GLY A 273 -7.53 2.95 10.40
C GLY A 273 -6.32 2.61 11.23
N SER A 274 -5.19 2.36 10.57
CA SER A 274 -3.98 1.94 11.25
C SER A 274 -2.88 2.98 11.12
N THR A 275 -1.90 2.87 12.01
CA THR A 275 -0.76 3.81 12.09
C THR A 275 0.53 3.02 11.95
N VAL A 276 1.40 3.51 11.07
CA VAL A 276 2.65 2.87 10.67
C VAL A 276 3.80 3.85 10.83
N ASN A 277 4.88 3.41 11.47
CA ASN A 277 6.10 4.21 11.56
C ASN A 277 7.33 3.32 11.35
N GLY A 278 8.28 3.80 10.57
CA GLY A 278 9.60 3.15 10.48
C GLY A 278 9.73 2.06 9.43
N TYR A 279 8.69 1.87 8.63
CA TYR A 279 8.63 0.83 7.60
C TYR A 279 9.06 1.35 6.24
N CYS A 280 9.46 0.43 5.37
CA CYS A 280 9.68 0.76 3.98
C CYS A 280 8.37 1.07 3.28
N ARG A 281 7.39 0.20 3.47
CA ARG A 281 6.18 0.20 2.67
C ARG A 281 4.91 0.07 3.50
N GLY A 282 3.81 0.61 2.98
CA GLY A 282 2.53 0.55 3.68
C GLY A 282 1.82 -0.76 3.39
N ALA A 283 1.43 -0.96 2.13
CA ALA A 283 0.69 -2.14 1.73
C ALA A 283 0.92 -2.56 0.28
N TYR A 284 1.09 -3.86 0.05
CA TYR A 284 0.97 -4.42 -1.29
C TYR A 284 -0.47 -4.79 -1.48
N VAL A 285 -1.02 -4.50 -2.67
CA VAL A 285 -2.37 -4.88 -3.06
C VAL A 285 -2.20 -5.56 -4.40
N VAL A 286 -2.31 -6.89 -4.42
CA VAL A 286 -1.82 -7.69 -5.54
CA VAL A 286 -1.84 -7.67 -5.57
C VAL A 286 -2.71 -8.88 -5.80
N MET A 287 -2.74 -9.33 -7.05
CA MET A 287 -3.21 -10.68 -7.38
CA MET A 287 -3.23 -10.67 -7.39
C MET A 287 -2.07 -11.47 -8.00
N HIS A 288 -1.48 -12.36 -7.20
CA HIS A 288 -0.49 -13.33 -7.69
C HIS A 288 -1.27 -14.50 -8.30
N ALA A 289 -1.08 -14.76 -9.59
CA ALA A 289 -1.64 -15.96 -10.21
C ALA A 289 -1.36 -17.24 -9.42
N ALA A 290 -0.17 -17.33 -8.82
CA ALA A 290 0.22 -18.52 -8.07
C ALA A 290 -0.62 -18.76 -6.81
N GLU A 291 -1.39 -17.74 -6.38
CA GLU A 291 -2.21 -17.82 -5.17
C GLU A 291 -3.70 -17.87 -5.47
N ALA A 292 -4.05 -18.18 -6.72
CA ALA A 292 -5.43 -18.09 -7.19
C ALA A 292 -6.32 -19.32 -6.94
N ALA A 293 -5.83 -20.33 -6.23
CA ALA A 293 -6.57 -21.60 -6.16
C ALA A 293 -7.91 -21.52 -5.43
N GLY A 294 -7.95 -20.80 -4.31
CA GLY A 294 -9.13 -20.85 -3.43
C GLY A 294 -10.24 -19.86 -3.67
N ALA A 295 -9.91 -18.69 -4.24
CA ALA A 295 -10.88 -17.62 -4.41
C ALA A 295 -10.90 -16.98 -5.79
N GLY A 296 -10.27 -17.65 -6.76
CA GLY A 296 -10.23 -17.21 -8.17
C GLY A 296 -9.07 -16.28 -8.47
N SER A 297 -8.95 -15.92 -9.75
CA SER A 297 -7.81 -15.16 -10.22
C SER A 297 -8.01 -13.63 -10.28
N TYR A 298 -9.08 -13.15 -9.65
CA TYR A 298 -9.34 -11.71 -9.54
C TYR A 298 -9.26 -11.25 -8.08
N ALA A 299 -8.43 -10.23 -7.84
CA ALA A 299 -8.43 -9.50 -6.58
C ALA A 299 -9.21 -8.24 -6.83
N TYR A 300 -10.41 -8.18 -6.27
CA TYR A 300 -11.31 -7.05 -6.44
C TYR A 300 -11.85 -6.67 -5.08
N ASN A 301 -12.37 -5.45 -4.98
CA ASN A 301 -12.90 -4.92 -3.72
C ASN A 301 -11.79 -4.91 -2.67
N MET A 302 -10.75 -4.15 -2.98
CA MET A 302 -9.58 -3.99 -2.15
C MET A 302 -9.59 -2.56 -1.61
N GLN A 303 -9.50 -2.42 -0.28
CA GLN A 303 -9.70 -1.13 0.36
CA GLN A 303 -9.74 -1.14 0.38
C GLN A 303 -8.53 -0.77 1.25
N VAL A 304 -7.92 0.39 0.98
CA VAL A 304 -6.87 0.93 1.86
C VAL A 304 -7.31 2.33 2.29
N GLU A 305 -7.81 2.45 3.52
CA GLU A 305 -8.47 3.68 3.93
C GLU A 305 -8.10 4.16 5.34
N ASN A 306 -7.96 5.48 5.46
CA ASN A 306 -7.89 6.14 6.76
C ASN A 306 -6.71 5.67 7.60
N ASN A 307 -5.60 5.36 6.93
CA ASN A 307 -4.35 5.04 7.61
C ASN A 307 -3.45 6.26 7.74
N ILE A 308 -2.48 6.15 8.65
CA ILE A 308 -1.54 7.20 9.00
C ILE A 308 -0.16 6.57 8.91
N ALA A 309 0.75 7.15 8.15
CA ALA A 309 2.04 6.48 7.94
C ALA A 309 3.22 7.43 7.76
N VAL A 310 4.34 7.06 8.37
CA VAL A 310 5.67 7.55 8.00
C VAL A 310 6.46 6.33 7.50
N ILE A 311 6.82 6.36 6.21
CA ILE A 311 7.49 5.26 5.56
C ILE A 311 8.71 5.80 4.86
N TYR A 312 9.53 4.92 4.29
CA TYR A 312 10.74 5.34 3.59
C TYR A 312 10.76 5.00 2.10
N GLY A 313 9.87 4.08 1.71
CA GLY A 313 9.68 3.66 0.32
C GLY A 313 8.31 4.03 -0.27
N GLN A 314 7.49 3.02 -0.57
CA GLN A 314 6.22 3.22 -1.26
C GLN A 314 5.03 2.91 -0.36
N PHE A 315 3.98 3.72 -0.43
CA PHE A 315 2.83 3.53 0.44
C PHE A 315 1.98 2.34 -0.01
N VAL A 316 1.44 2.41 -1.23
CA VAL A 316 0.66 1.30 -1.80
C VAL A 316 1.29 0.83 -3.11
N ILE A 317 1.59 -0.47 -3.19
CA ILE A 317 2.17 -1.08 -4.37
C ILE A 317 1.09 -1.96 -4.98
N LEU A 318 0.82 -1.71 -6.25
CA LEU A 318 -0.19 -2.44 -7.00
C LEU A 318 0.49 -3.39 -7.99
N GLY A 319 -0.07 -4.57 -8.16
CA GLY A 319 0.46 -5.51 -9.12
C GLY A 319 -0.39 -6.72 -9.40
N SER A 320 -0.11 -7.38 -10.51
CA SER A 320 -0.69 -8.69 -10.78
C SER A 320 0.23 -9.40 -11.76
N ASP A 321 0.12 -10.71 -11.82
CA ASP A 321 1.07 -11.47 -12.61
C ASP A 321 0.45 -12.80 -13.05
N VAL A 322 1.25 -13.60 -13.74
CA VAL A 322 0.77 -14.81 -14.37
C VAL A 322 1.63 -16.03 -14.01
N THR A 323 1.02 -17.20 -14.13
CA THR A 323 1.74 -18.48 -14.12
C THR A 323 1.47 -19.15 -15.47
N ALA A 324 1.98 -20.36 -15.66
CA ALA A 324 1.74 -21.10 -16.90
C ALA A 324 0.27 -21.26 -17.21
N THR A 325 -0.54 -21.40 -16.16
CA THR A 325 -1.95 -21.76 -16.32
C THR A 325 -2.96 -20.69 -15.87
N VAL A 326 -2.52 -19.67 -15.14
CA VAL A 326 -3.45 -18.65 -14.60
C VAL A 326 -2.94 -17.23 -14.87
N SER A 327 -3.85 -16.32 -15.19
CA SER A 327 -3.55 -14.89 -15.26
C SER A 327 -4.25 -14.17 -14.12
N GLY A 328 -3.48 -13.43 -13.33
CA GLY A 328 -4.03 -12.65 -12.21
C GLY A 328 -4.52 -11.30 -12.67
N HIS A 329 -5.63 -10.86 -12.10
CA HIS A 329 -6.23 -9.55 -12.38
C HIS A 329 -6.46 -8.80 -11.08
N LEU A 330 -6.18 -7.49 -11.11
CA LEU A 330 -6.43 -6.60 -9.98
C LEU A 330 -7.34 -5.46 -10.41
N ASN A 331 -8.48 -5.30 -9.76
CA ASN A 331 -9.44 -4.27 -10.13
C ASN A 331 -10.37 -3.94 -8.99
N ASP A 332 -11.00 -2.78 -9.07
CA ASP A 332 -11.95 -2.32 -8.07
C ASP A 332 -11.23 -2.16 -6.72
N VAL A 333 -10.31 -1.22 -6.73
CA VAL A 333 -9.48 -0.85 -5.58
C VAL A 333 -9.82 0.59 -5.19
N ILE A 334 -9.87 0.86 -3.89
CA ILE A 334 -9.98 2.22 -3.40
C ILE A 334 -8.91 2.51 -2.35
N VAL A 335 -8.22 3.62 -2.56
CA VAL A 335 -7.17 4.13 -1.65
C VAL A 335 -7.56 5.53 -1.27
N SER A 336 -8.05 5.71 -0.04
CA SER A 336 -8.59 7.02 0.35
C SER A 336 -8.45 7.35 1.82
N GLY A 337 -8.39 8.64 2.11
CA GLY A 337 -8.37 9.11 3.49
C GLY A 337 -7.06 8.93 4.22
N ASN A 338 -5.99 8.54 3.50
CA ASN A 338 -4.71 8.24 4.13
C ASN A 338 -3.83 9.49 4.19
N ILE A 339 -3.09 9.63 5.28
CA ILE A 339 -2.09 10.68 5.40
C ILE A 339 -0.74 10.03 5.60
N VAL A 340 0.17 10.30 4.66
CA VAL A 340 1.39 9.54 4.49
C VAL A 340 2.54 10.48 4.17
N SER A 341 3.68 10.24 4.80
CA SER A 341 4.88 10.95 4.40
C SER A 341 6.06 10.04 4.31
N ILE A 342 7.02 10.47 3.49
CA ILE A 342 8.35 9.90 3.51
C ILE A 342 9.10 10.55 4.66
N GLY A 343 9.58 9.72 5.59
CA GLY A 343 10.34 10.23 6.72
C GLY A 343 11.65 10.85 6.29
N GLU A 344 12.21 11.71 7.15
CA GLU A 344 13.43 12.40 6.76
CA GLU A 344 13.47 12.37 6.87
C GLU A 344 14.51 11.35 6.44
N ARG A 345 15.13 11.55 5.30
CA ARG A 345 16.19 10.69 4.80
C ARG A 345 16.84 11.39 3.63
N ALA A 346 18.04 10.93 3.29
CA ALA A 346 18.74 11.43 2.13
C ALA A 346 18.11 10.90 0.86
N ALA A 347 18.20 11.65 -0.22
CA ALA A 347 17.78 11.17 -1.53
C ALA A 347 18.50 9.86 -1.86
N PHE A 348 17.72 8.92 -2.39
CA PHE A 348 18.20 7.62 -2.86
C PHE A 348 18.79 6.71 -1.77
N SER A 349 18.48 6.99 -0.51
CA SER A 349 19.02 6.20 0.60
C SER A 349 18.11 5.05 1.01
N ALA A 350 16.95 4.96 0.36
CA ALA A 350 15.98 3.86 0.56
C ALA A 350 15.27 3.65 -0.77
N PRO A 351 14.46 2.61 -0.87
CA PRO A 351 13.72 2.46 -2.12
C PRO A 351 12.91 3.71 -2.51
N PHE A 352 12.75 3.91 -3.82
CA PHE A 352 12.23 5.14 -4.41
C PHE A 352 10.87 5.50 -3.78
N GLY A 353 10.75 6.73 -3.28
CA GLY A 353 9.57 7.15 -2.54
C GLY A 353 8.37 7.30 -3.44
N ALA A 354 7.22 6.81 -3.01
CA ALA A 354 6.00 6.87 -3.86
C ALA A 354 4.74 6.70 -3.01
N PHE A 355 3.67 7.37 -3.42
CA PHE A 355 2.39 7.12 -2.77
C PHE A 355 1.78 5.85 -3.38
N ILE A 356 1.73 5.82 -4.71
CA ILE A 356 1.34 4.64 -5.49
C ILE A 356 2.55 4.15 -6.30
N ASP A 357 2.81 2.85 -6.26
CA ASP A 357 3.79 2.24 -7.17
C ASP A 357 3.07 1.17 -7.99
N ILE A 358 3.28 1.16 -9.30
CA ILE A 358 2.82 0.08 -10.19
C ILE A 358 4.07 -0.77 -10.41
N GLY A 359 4.13 -1.86 -9.66
CA GLY A 359 5.35 -2.65 -9.52
C GLY A 359 5.44 -3.82 -10.47
N PRO A 360 6.60 -3.98 -11.15
CA PRO A 360 6.84 -5.17 -11.97
C PRO A 360 6.84 -6.45 -11.11
N ASP A 361 6.69 -7.62 -11.75
CA ASP A 361 6.59 -8.85 -10.98
C ASP A 361 7.90 -9.26 -10.35
N ASN A 362 7.91 -10.39 -9.64
CA ASN A 362 9.09 -10.79 -8.88
C ASN A 362 10.31 -11.12 -9.73
N SER A 363 10.10 -11.32 -11.04
CA SER A 363 11.20 -11.52 -11.98
CA SER A 363 11.19 -11.51 -11.99
C SER A 363 11.52 -10.23 -12.76
N GLY A 364 10.86 -9.14 -12.41
CA GLY A 364 11.07 -7.87 -13.11
C GLY A 364 10.25 -7.64 -14.38
N ALA A 365 9.31 -8.54 -14.68
CA ALA A 365 8.47 -8.40 -15.87
C ALA A 365 7.47 -7.26 -15.74
N SER A 366 7.39 -6.42 -16.76
CA SER A 366 6.51 -5.24 -16.77
C SER A 366 5.34 -5.39 -17.71
N ASN A 367 5.16 -6.59 -18.28
CA ASN A 367 4.17 -6.83 -19.32
C ASN A 367 3.24 -7.99 -19.00
N VAL A 368 3.06 -8.28 -17.71
CA VAL A 368 2.18 -9.37 -17.25
C VAL A 368 1.00 -8.86 -16.40
N GLN A 369 0.94 -7.53 -16.21
CA GLN A 369 0.01 -6.92 -15.27
C GLN A 369 -1.35 -6.63 -15.91
N ASP A 370 -2.41 -6.86 -15.13
CA ASP A 370 -3.74 -6.43 -15.53
C ASP A 370 -4.41 -5.71 -14.34
N ILE A 371 -4.07 -4.42 -14.21
CA ILE A 371 -4.49 -3.57 -13.10
C ILE A 371 -5.39 -2.48 -13.68
N GLN A 372 -6.59 -2.34 -13.13
CA GLN A 372 -7.54 -1.33 -13.60
C GLN A 372 -8.61 -0.99 -12.58
N ARG A 373 -9.40 0.04 -12.86
CA ARG A 373 -10.47 0.48 -11.97
C ARG A 373 -9.95 0.65 -10.53
N VAL A 374 -8.93 1.49 -10.40
CA VAL A 374 -8.35 1.86 -9.12
C VAL A 374 -8.66 3.34 -8.88
N LEU A 375 -9.23 3.66 -7.72
CA LEU A 375 -9.55 5.04 -7.34
C LEU A 375 -8.71 5.45 -6.16
N VAL A 376 -7.93 6.51 -6.36
CA VAL A 376 -7.06 7.09 -5.36
C VAL A 376 -7.59 8.50 -5.11
N THR A 377 -8.19 8.70 -3.95
CA THR A 377 -8.90 9.94 -3.71
C THR A 377 -8.81 10.38 -2.25
N GLY A 378 -8.74 11.69 -2.03
CA GLY A 378 -8.73 12.26 -0.68
C GLY A 378 -7.61 11.82 0.23
N ASN A 379 -6.41 11.65 -0.34
CA ASN A 379 -5.21 11.36 0.43
C ASN A 379 -4.30 12.55 0.45
N SER A 380 -3.44 12.58 1.46
CA SER A 380 -2.35 13.57 1.52
C SER A 380 -1.01 12.88 1.57
N PHE A 381 -0.08 13.30 0.72
CA PHE A 381 1.27 12.76 0.67
C PHE A 381 2.28 13.88 0.72
N TYR A 382 3.30 13.71 1.56
CA TYR A 382 4.39 14.67 1.68
C TYR A 382 5.76 13.97 1.69
N ALA A 383 6.73 14.54 0.98
CA ALA A 383 8.14 14.17 1.11
C ALA A 383 8.96 15.44 1.26
N PRO A 384 9.89 15.46 2.24
CA PRO A 384 10.84 16.57 2.34
C PRO A 384 11.51 16.98 1.02
N ALA A 385 11.78 18.28 0.91
CA ALA A 385 12.31 18.93 -0.28
C ALA A 385 13.57 18.29 -0.86
N ASN A 386 14.39 17.67 -0.02
CA ASN A 386 15.62 17.07 -0.51
C ASN A 386 15.44 15.72 -1.19
N ILE A 387 14.28 15.10 -0.99
CA ILE A 387 14.08 13.73 -1.45
C ILE A 387 13.70 13.76 -2.91
N THR A 388 14.72 13.73 -3.75
CA THR A 388 14.58 13.68 -5.20
C THR A 388 13.68 12.51 -5.63
N ASP A 389 13.93 11.35 -5.02
CA ASP A 389 13.18 10.15 -5.35
C ASP A 389 11.89 10.10 -4.54
N SER A 390 10.96 10.96 -4.94
CA SER A 390 9.62 10.94 -4.38
C SER A 390 8.60 11.28 -5.47
N ALA A 391 7.54 10.47 -5.57
CA ALA A 391 6.54 10.62 -6.61
C ALA A 391 5.15 10.29 -6.10
N ALA A 392 4.14 10.96 -6.64
CA ALA A 392 2.75 10.58 -6.34
C ALA A 392 2.51 9.17 -6.85
N ILE A 393 2.99 8.91 -8.07
CA ILE A 393 2.95 7.56 -8.63
C ILE A 393 4.20 7.27 -9.42
N THR A 394 4.86 6.16 -9.06
CA THR A 394 5.92 5.57 -9.90
C THR A 394 5.26 4.49 -10.73
N LEU A 395 5.17 4.74 -12.03
CA LEU A 395 4.38 3.91 -12.95
C LEU A 395 5.37 3.05 -13.74
N ARG A 396 5.70 1.90 -13.19
CA ARG A 396 6.86 1.12 -13.67
C ARG A 396 6.51 -0.12 -14.48
N ALA A 397 5.22 -0.44 -14.56
CA ALA A 397 4.78 -1.62 -15.29
C ALA A 397 3.45 -1.32 -15.96
N ASN A 398 3.02 -2.20 -16.87
CA ASN A 398 1.80 -1.97 -17.62
C ASN A 398 0.64 -1.64 -16.68
N LEU A 399 -0.13 -0.63 -17.09
CA LEU A 399 -1.28 -0.19 -16.33
C LEU A 399 -2.51 -0.05 -17.22
N ASN A 400 -3.60 -0.74 -16.85
CA ASN A 400 -4.86 -0.64 -17.60
C ASN A 400 -5.89 0.32 -17.02
N GLY A 401 -5.58 0.92 -15.86
CA GLY A 401 -6.34 2.06 -15.38
C GLY A 401 -6.02 2.47 -13.95
N CYS A 402 -5.96 3.76 -13.70
CA CYS A 402 -5.89 4.26 -12.34
C CYS A 402 -6.38 5.69 -12.36
N THR A 403 -7.18 6.06 -11.37
CA THR A 403 -7.87 7.36 -11.30
C THR A 403 -7.50 8.10 -10.04
N PHE A 404 -6.99 9.31 -10.22
CA PHE A 404 -6.62 10.19 -9.12
C PHE A 404 -7.58 11.38 -9.10
N ILE A 405 -8.28 11.55 -7.97
CA ILE A 405 -9.16 12.71 -7.74
C ILE A 405 -8.96 13.29 -6.33
N ALA A 406 -8.86 14.61 -6.24
CA ALA A 406 -8.94 15.30 -4.95
C ALA A 406 -7.93 14.81 -3.91
N ASN A 407 -6.70 14.59 -4.34
CA ASN A 407 -5.57 14.34 -3.43
C ASN A 407 -4.72 15.59 -3.29
N ASN A 408 -3.91 15.64 -2.23
CA ASN A 408 -2.89 16.67 -2.09
C ASN A 408 -1.53 15.94 -2.14
N PHE A 409 -0.77 16.15 -3.20
CA PHE A 409 0.54 15.53 -3.39
C PHE A 409 1.65 16.57 -3.32
N ASP A 410 2.54 16.42 -2.37
CA ASP A 410 3.61 17.38 -2.15
C ASP A 410 4.93 16.62 -2.11
N CYS A 411 5.49 16.44 -3.29
CA CYS A 411 6.70 15.63 -3.48
C CYS A 411 7.38 16.04 -4.78
N ARG A 412 8.49 15.39 -5.13
CA ARG A 412 9.28 15.84 -6.30
C ARG A 412 8.53 15.66 -7.63
N TYR A 413 8.01 14.47 -7.86
CA TYR A 413 7.33 14.12 -9.11
C TYR A 413 5.87 13.84 -8.86
N MET A 414 5.02 14.14 -9.84
CA MET A 414 3.65 13.66 -9.78
C MET A 414 3.62 12.26 -10.42
N VAL A 415 3.89 12.19 -11.73
CA VAL A 415 3.99 10.91 -12.42
C VAL A 415 5.44 10.70 -12.84
N TYR A 416 6.00 9.54 -12.55
CA TYR A 416 7.40 9.24 -12.88
C TYR A 416 7.62 7.78 -13.21
N ASN A 417 8.52 7.56 -14.17
CA ASN A 417 9.18 6.27 -14.37
C ASN A 417 10.58 6.58 -14.84
N ALA A 418 11.57 5.82 -14.38
CA ALA A 418 12.96 6.14 -14.69
C ALA A 418 13.24 5.89 -16.17
N PRO A 419 13.90 6.84 -16.85
CA PRO A 419 14.26 6.56 -18.22
C PRO A 419 15.29 5.44 -18.32
N GLY A 420 15.25 4.72 -19.42
CA GLY A 420 16.17 3.62 -19.67
C GLY A 420 15.95 2.44 -18.76
N THR A 421 14.70 2.24 -18.33
CA THR A 421 14.36 1.08 -17.53
C THR A 421 13.21 0.37 -18.23
N THR A 422 12.02 0.34 -17.63
CA THR A 422 10.88 -0.35 -18.24
C THR A 422 10.17 0.63 -19.19
N SER A 423 9.36 0.08 -20.09
CA SER A 423 8.55 0.89 -21.00
C SER A 423 7.10 0.46 -20.90
N PRO A 424 6.42 0.89 -19.82
CA PRO A 424 5.03 0.53 -19.64
C PRO A 424 4.09 0.97 -20.75
N VAL A 425 3.11 0.11 -21.00
CA VAL A 425 1.94 0.44 -21.78
C VAL A 425 0.88 0.94 -20.80
N VAL A 426 0.47 2.20 -20.98
CA VAL A 426 -0.45 2.86 -20.04
C VAL A 426 -1.78 3.15 -20.72
N GLN A 427 -2.88 2.70 -20.09
CA GLN A 427 -4.22 3.01 -20.54
C GLN A 427 -5.05 3.49 -19.36
N ASN A 428 -5.94 4.45 -19.62
CA ASN A 428 -6.95 4.87 -18.66
C ASN A 428 -6.35 5.44 -17.37
N LEU A 429 -5.24 6.16 -17.52
CA LEU A 429 -4.67 6.90 -16.40
C LEU A 429 -5.36 8.24 -16.35
N VAL A 430 -6.00 8.53 -15.23
CA VAL A 430 -6.74 9.79 -15.06
C VAL A 430 -6.20 10.57 -13.86
N TRP A 431 -5.65 11.74 -14.17
CA TRP A 431 -5.23 12.71 -13.18
C TRP A 431 -6.11 13.96 -13.30
N ASP A 432 -7.11 14.00 -12.43
CA ASP A 432 -8.10 15.08 -12.44
C ASP A 432 -7.47 16.38 -11.97
N LYS A 433 -8.04 17.48 -12.45
CA LYS A 433 -7.56 18.82 -12.12
C LYS A 433 -7.66 19.15 -10.62
N SER A 434 -8.53 18.43 -9.90
CA SER A 434 -8.75 18.60 -8.46
C SER A 434 -7.60 18.11 -7.59
N ASN A 435 -6.59 17.45 -8.16
CA ASN A 435 -5.38 17.08 -7.43
C ASN A 435 -4.53 18.30 -7.24
N VAL A 436 -4.24 18.60 -5.98
CA VAL A 436 -3.48 19.77 -5.61
C VAL A 436 -2.02 19.42 -5.51
N ILE A 437 -1.20 20.15 -6.26
CA ILE A 437 0.23 19.92 -6.35
C ILE A 437 0.91 20.93 -5.42
N GLY A 438 1.59 20.43 -4.38
CA GLY A 438 2.23 21.25 -3.37
C GLY A 438 3.52 21.89 -3.85
N GLY A 439 4.08 22.72 -2.99
CA GLY A 439 5.26 23.53 -3.34
C GLY A 439 6.52 23.27 -2.53
N THR A 440 6.54 22.22 -1.72
CA THR A 440 7.75 21.89 -0.95
C THR A 440 8.98 21.71 -1.87
N HIS A 441 8.77 21.17 -3.05
CA HIS A 441 9.90 20.90 -3.95
C HIS A 441 10.10 21.98 -4.99
N ALA A 442 9.35 23.07 -4.89
CA ALA A 442 9.60 24.24 -5.74
C ALA A 442 11.06 24.66 -5.57
N ASN A 443 11.66 25.04 -6.69
CA ASN A 443 13.06 25.45 -6.81
C ASN A 443 14.08 24.33 -6.71
N GLN A 444 13.62 23.08 -6.60
CA GLN A 444 14.51 21.93 -6.50
C GLN A 444 14.53 21.10 -7.79
N ARG A 445 13.76 21.50 -8.80
CA ARG A 445 13.48 20.64 -9.94
C ARG A 445 14.29 20.95 -11.19
N ALA A 446 15.45 21.58 -11.05
CA ALA A 446 16.31 21.82 -12.21
C ALA A 446 16.56 20.55 -13.01
N GLY A 447 16.30 20.61 -14.31
CA GLY A 447 16.49 19.49 -15.22
C GLY A 447 15.42 18.42 -15.14
N GLN A 448 14.37 18.65 -14.35
CA GLN A 448 13.33 17.64 -14.10
C GLN A 448 11.95 18.03 -14.61
N ASN A 449 11.17 17.00 -14.95
CA ASN A 449 9.83 17.15 -15.49
C ASN A 449 8.82 16.70 -14.43
N LEU A 450 7.89 17.55 -14.07
CA LEU A 450 6.96 17.27 -12.96
C LEU A 450 6.19 15.97 -13.22
N PHE A 451 5.66 15.86 -14.43
CA PHE A 451 5.10 14.63 -14.97
C PHE A 451 6.07 14.16 -16.05
N ASP A 452 6.77 13.06 -15.78
CA ASP A 452 7.82 12.56 -16.67
C ASP A 452 7.35 11.24 -17.27
N MET A 453 6.83 11.34 -18.48
CA MET A 453 6.00 10.28 -19.08
C MET A 453 6.84 9.25 -19.83
N GLN A 454 7.67 8.53 -19.08
CA GLN A 454 8.67 7.61 -19.64
C GLN A 454 8.07 6.23 -19.90
N PHE A 455 7.22 6.19 -20.90
CA PHE A 455 6.38 5.02 -21.21
C PHE A 455 6.53 4.63 -22.67
N ALA A 456 6.12 3.41 -22.98
CA ALA A 456 6.03 2.98 -24.36
C ALA A 456 4.86 3.66 -25.04
N SER A 457 3.75 3.79 -24.32
CA SER A 457 2.54 4.35 -24.90
C SER A 457 1.55 4.78 -23.81
N VAL A 458 0.74 5.79 -24.16
CA VAL A 458 -0.32 6.33 -23.32
C VAL A 458 -1.56 6.51 -24.18
N VAL A 459 -2.66 5.89 -23.75
CA VAL A 459 -3.91 5.98 -24.48
C VAL A 459 -5.04 6.18 -23.49
N ASN A 460 -6.09 6.88 -23.91
CA ASN A 460 -7.29 7.08 -23.09
C ASN A 460 -6.98 7.59 -21.69
N SER A 461 -6.03 8.52 -21.65
CA SER A 461 -5.54 9.07 -20.42
C SER A 461 -5.81 10.59 -20.35
N THR A 462 -5.89 11.08 -19.12
CA THR A 462 -6.18 12.48 -18.80
C THR A 462 -5.09 12.94 -17.84
N ILE A 463 -4.38 14.00 -18.19
CA ILE A 463 -3.53 14.70 -17.22
C ILE A 463 -3.91 16.17 -17.22
N GLU A 464 -4.55 16.62 -16.13
CA GLU A 464 -4.92 18.03 -15.97
C GLU A 464 -4.02 18.62 -14.91
N VAL A 465 -2.98 19.31 -15.36
CA VAL A 465 -1.98 19.91 -14.44
C VAL A 465 -2.50 21.25 -13.94
N GLN A 466 -2.56 21.38 -12.61
CA GLN A 466 -2.84 22.64 -11.96
C GLN A 466 -1.76 22.90 -10.92
N LEU A 467 -0.96 23.93 -11.12
CA LEU A 467 0.00 24.38 -10.12
C LEU A 467 -0.72 25.19 -9.04
N SER A 468 -0.10 25.31 -7.86
CA SER A 468 -0.64 26.22 -6.82
CA SER A 468 -0.60 26.15 -6.76
C SER A 468 0.43 27.19 -6.30
N CYS A 469 1.58 27.19 -6.97
CA CYS A 469 2.66 28.14 -6.75
C CYS A 469 3.64 27.98 -7.92
N GLU A 470 4.57 28.94 -8.06
CA GLU A 470 5.61 28.82 -9.08
C GLU A 470 6.59 27.70 -8.72
N ASP A 471 7.07 27.03 -9.76
CA ASP A 471 8.35 26.38 -9.70
C ASP A 471 9.05 26.59 -11.02
N LEU A 472 9.76 27.70 -11.11
CA LEU A 472 10.48 28.05 -12.31
C LEU A 472 11.78 27.24 -12.50
N SER A 473 12.13 26.36 -11.55
CA SER A 473 13.30 25.47 -11.74
C SER A 473 13.02 24.29 -12.67
N MET A 474 11.78 23.83 -12.71
CA MET A 474 11.47 22.61 -13.46
C MET A 474 11.65 22.84 -14.95
N PHE A 475 12.10 21.81 -15.65
CA PHE A 475 12.28 21.90 -17.08
C PHE A 475 10.93 22.05 -17.76
N SER A 476 9.95 21.26 -17.30
CA SER A 476 8.59 21.30 -17.82
C SER A 476 7.59 20.78 -16.81
N CYS A 477 6.32 21.14 -17.01
CA CYS A 477 5.23 20.54 -16.22
C CYS A 477 5.00 19.09 -16.62
N ILE A 478 5.08 18.80 -17.92
CA ILE A 478 4.88 17.45 -18.43
C ILE A 478 5.71 17.29 -19.69
N LEU A 479 6.38 16.13 -19.79
CA LEU A 479 7.23 15.84 -20.92
C LEU A 479 6.98 14.42 -21.38
N PHE A 480 6.81 14.28 -22.70
CA PHE A 480 6.70 13.00 -23.37
C PHE A 480 7.93 12.84 -24.25
N PRO A 481 8.74 11.79 -24.01
CA PRO A 481 9.85 11.50 -24.93
C PRO A 481 9.31 11.01 -26.25
N ALA A 482 10.12 11.13 -27.30
CA ALA A 482 9.70 10.70 -28.64
C ALA A 482 9.34 9.22 -28.68
N SER A 483 9.94 8.43 -27.81
CA SER A 483 9.65 7.01 -27.72
C SER A 483 8.28 6.66 -27.09
N CYS A 484 7.58 7.66 -26.54
CA CYS A 484 6.25 7.43 -25.98
C CYS A 484 5.17 7.80 -26.98
N GLN A 485 4.42 6.80 -27.45
CA GLN A 485 3.27 7.09 -28.28
C GLN A 485 2.18 7.67 -27.39
N LEU A 486 1.41 8.57 -27.98
CA LEU A 486 0.31 9.23 -27.27
C LEU A 486 -0.89 9.36 -28.20
N SER A 487 -2.03 8.83 -27.79
CA SER A 487 -3.25 8.91 -28.61
C SER A 487 -4.48 8.95 -27.71
N TYR A 488 -5.59 9.48 -28.25
CA TYR A 488 -6.88 9.49 -27.55
C TYR A 488 -6.69 9.88 -26.10
N SER A 489 -6.10 11.06 -25.88
CA SER A 489 -5.78 11.53 -24.54
C SER A 489 -5.98 13.04 -24.42
N LYS A 490 -6.14 13.48 -23.18
CA LYS A 490 -6.36 14.87 -22.85
C LYS A 490 -5.22 15.33 -21.93
N ILE A 491 -4.46 16.33 -22.36
CA ILE A 491 -3.33 16.86 -21.60
C ILE A 491 -3.47 18.38 -21.50
N THR A 492 -3.69 18.88 -20.30
CA THR A 492 -3.88 20.33 -20.13
C THR A 492 -2.97 20.87 -19.04
N VAL A 493 -2.46 22.08 -19.26
CA VAL A 493 -1.72 22.82 -18.23
C VAL A 493 -2.42 24.15 -18.00
N ASP A 494 -3.01 24.33 -16.81
CA ASP A 494 -3.59 25.59 -16.39
C ASP A 494 -2.50 26.66 -16.37
N SER A 495 -2.85 27.89 -16.74
CA SER A 495 -1.83 28.96 -16.85
C SER A 495 -1.34 29.53 -15.51
N ALA A 496 -2.12 29.35 -14.43
CA ALA A 496 -1.74 29.99 -13.18
C ALA A 496 -0.33 29.54 -12.72
N TRP A 497 0.47 30.56 -12.36
CA TRP A 497 1.86 30.45 -11.95
C TRP A 497 2.83 30.01 -13.04
N THR A 498 2.38 29.96 -14.29
CA THR A 498 3.23 29.47 -15.40
C THR A 498 3.78 30.54 -16.35
N LYS A 499 3.45 31.81 -16.12
CA LYS A 499 3.76 32.89 -17.10
C LYS A 499 5.25 32.91 -17.48
N SER A 500 6.13 32.58 -16.54
CA SER A 500 7.58 32.71 -16.77
C SER A 500 8.30 31.42 -17.19
N MET A 501 7.53 30.38 -17.50
CA MET A 501 8.08 29.09 -17.92
C MET A 501 8.25 29.06 -19.45
N SER A 502 9.46 28.72 -19.91
CA SER A 502 9.73 28.59 -21.35
CA SER A 502 9.73 28.59 -21.35
C SER A 502 9.07 27.35 -21.90
N ASN A 503 9.02 26.31 -21.08
CA ASN A 503 8.42 25.03 -21.46
C ASN A 503 7.38 24.69 -20.40
N THR A 504 6.14 24.56 -20.81
CA THR A 504 5.08 24.08 -19.92
C THR A 504 4.83 22.60 -20.23
N ALA A 505 4.43 22.28 -21.46
CA ALA A 505 4.28 20.91 -21.92
C ALA A 505 5.23 20.69 -23.08
N VAL A 506 5.92 19.55 -23.04
CA VAL A 506 6.91 19.18 -24.04
C VAL A 506 6.53 17.83 -24.64
N PHE A 507 6.44 17.82 -25.97
CA PHE A 507 6.14 16.63 -26.75
C PHE A 507 7.32 16.41 -27.71
N GLU A 508 8.28 15.61 -27.28
CA GLU A 508 9.55 15.48 -28.02
C GLU A 508 9.43 14.78 -29.38
N GLY A 509 8.32 14.08 -29.60
CA GLY A 509 7.99 13.48 -30.90
C GLY A 509 6.79 14.13 -31.56
N ASN A 510 6.50 15.37 -31.16
CA ASN A 510 5.36 16.12 -31.69
C ASN A 510 4.02 15.38 -31.59
N GLN A 511 3.86 14.64 -30.50
CA GLN A 511 2.71 13.78 -30.32
C GLN A 511 1.40 14.55 -30.13
N GLN A 512 1.48 15.82 -29.81
CA GLN A 512 0.26 16.59 -29.57
C GLN A 512 -0.48 16.84 -30.89
N ALA A 513 0.18 16.54 -32.02
CA ALA A 513 -0.43 16.72 -33.34
C ALA A 513 -1.41 15.60 -33.72
N GLY A 514 -1.51 14.55 -32.90
CA GLY A 514 -2.40 13.42 -33.19
C GLY A 514 -3.84 13.87 -33.30
N ALA A 515 -4.58 13.21 -34.18
CA ALA A 515 -5.95 13.59 -34.51
C ALA A 515 -6.86 13.51 -33.30
N ASN A 516 -6.53 12.63 -32.37
CA ASN A 516 -7.37 12.39 -31.20
C ASN A 516 -6.65 12.74 -29.89
N VAL A 517 -5.73 13.68 -30.01
CA VAL A 517 -5.10 14.27 -28.84
C VAL A 517 -5.69 15.67 -28.61
N TYR A 518 -6.14 15.88 -27.37
CA TYR A 518 -6.80 17.08 -26.91
C TYR A 518 -5.88 17.75 -25.90
N VAL A 519 -5.36 18.93 -26.21
CA VAL A 519 -4.31 19.56 -25.41
CA VAL A 519 -4.33 19.56 -25.38
C VAL A 519 -4.46 21.07 -25.33
N SER A 520 -4.08 21.64 -24.20
CA SER A 520 -3.95 23.08 -24.05
C SER A 520 -2.83 23.38 -23.06
N TYR A 521 -1.99 24.33 -23.43
CA TYR A 521 -0.90 24.78 -22.55
C TYR A 521 -0.34 26.12 -23.00
N PRO A 522 0.22 26.90 -22.06
CA PRO A 522 0.80 28.20 -22.43
C PRO A 522 2.13 28.15 -23.16
N ALA A 523 2.35 29.16 -23.98
CA ALA A 523 3.62 29.33 -24.68
C ALA A 523 3.78 30.80 -25.05
N THR A 524 5.03 31.25 -25.18
CA THR A 524 5.31 32.57 -25.70
C THR A 524 5.44 32.51 -27.21
N VAL A 525 4.77 33.44 -27.90
CA VAL A 525 4.78 33.51 -29.35
C VAL A 525 5.09 34.92 -29.83
N ASN A 526 5.95 35.02 -30.84
CA ASN A 526 6.27 36.29 -31.51
C ASN A 526 5.40 36.45 -32.74
N LEU A 527 4.78 37.62 -32.86
CA LEU A 527 3.85 37.90 -33.93
C LEU A 527 4.24 39.20 -34.61
N THR A 528 3.95 39.28 -35.92
CA THR A 528 4.13 40.51 -36.67
C THR A 528 2.90 40.72 -37.53
N SER A 529 2.51 41.98 -37.70
CA SER A 529 1.29 42.33 -38.43
C SER A 529 1.63 42.86 -39.81
N TYR A 530 0.61 42.94 -40.64
CA TYR A 530 0.71 43.75 -41.85
C TYR A 530 0.60 45.25 -41.50
N ASN A 531 0.79 46.10 -42.49
CA ASN A 531 0.85 47.56 -42.32
CA ASN A 531 0.85 47.56 -42.26
C ASN A 531 -0.52 48.23 -42.32
N THR A 532 -1.53 47.50 -42.78
CA THR A 532 -2.88 48.01 -42.97
C THR A 532 -3.44 48.77 -41.77
N GLN A 533 -3.96 49.98 -42.01
CA GLN A 533 -4.74 50.69 -40.99
C GLN A 533 -6.09 50.01 -40.86
N GLY A 534 -6.58 49.91 -39.62
CA GLY A 534 -7.86 49.27 -39.33
C GLY A 534 -7.66 47.82 -38.93
N ALA A 535 -8.65 46.99 -39.19
CA ALA A 535 -8.55 45.58 -38.85
C ALA A 535 -7.37 45.03 -39.64
N VAL A 536 -6.46 44.34 -38.95
CA VAL A 536 -5.20 43.95 -39.55
C VAL A 536 -4.79 42.58 -39.02
N PRO A 537 -4.21 41.73 -39.89
CA PRO A 537 -3.78 40.42 -39.43
C PRO A 537 -2.42 40.47 -38.74
N PHE A 538 -2.27 39.62 -37.71
CA PHE A 538 -1.00 39.33 -37.08
C PHE A 538 -0.68 37.87 -37.36
N PHE A 539 0.58 37.58 -37.70
CA PHE A 539 1.03 36.21 -37.98
C PHE A 539 2.22 35.87 -37.07
N SER A 540 2.30 34.60 -36.65
CA SER A 540 3.43 34.14 -35.88
C SER A 540 4.68 34.09 -36.76
N THR A 541 5.83 34.41 -36.17
CA THR A 541 7.12 34.33 -36.86
CA THR A 541 7.08 34.34 -36.92
C THR A 541 7.50 32.89 -37.16
N ASP A 542 7.19 32.00 -36.22
CA ASP A 542 7.51 30.58 -36.33
C ASP A 542 6.35 29.80 -36.89
N THR A 543 6.66 28.61 -37.39
CA THR A 543 5.67 27.77 -38.08
C THR A 543 5.43 26.47 -37.31
N ASN A 544 5.47 26.55 -35.99
CA ASN A 544 5.36 25.39 -35.12
C ASN A 544 3.96 25.12 -34.59
N TYR A 545 2.93 25.64 -35.25
CA TYR A 545 1.59 25.63 -34.68
C TYR A 545 0.55 25.00 -35.59
N ALA A 546 0.95 24.07 -36.44
CA ALA A 546 -0.01 23.38 -37.35
C ALA A 546 -1.10 22.60 -36.61
N TRP A 547 -0.82 22.27 -35.35
CA TRP A 547 -1.70 21.46 -34.50
C TRP A 547 -2.68 22.30 -33.68
N VAL A 548 -2.51 23.62 -33.70
CA VAL A 548 -3.30 24.50 -32.82
C VAL A 548 -4.64 24.81 -33.46
N THR A 549 -5.72 24.62 -32.71
CA THR A 549 -7.06 24.91 -33.20
C THR A 549 -7.50 26.32 -32.80
N SER A 550 -7.06 26.79 -31.63
CA SER A 550 -7.26 28.18 -31.21
C SER A 550 -6.22 28.56 -30.16
N ALA A 551 -5.94 29.85 -30.05
CA ALA A 551 -5.07 30.38 -29.02
C ALA A 551 -5.63 31.72 -28.56
N TYR A 552 -5.39 32.06 -27.30
CA TYR A 552 -5.80 33.37 -26.83
C TYR A 552 -4.78 34.03 -25.92
N SER A 553 -4.86 35.36 -25.88
CA SER A 553 -3.92 36.18 -25.15
C SER A 553 -3.98 35.96 -23.65
N LEU A 554 -2.78 35.81 -23.08
CA LEU A 554 -2.55 35.82 -21.64
C LEU A 554 -1.70 37.05 -21.22
N SER A 555 -1.55 38.01 -22.14
CA SER A 555 -0.74 39.20 -21.93
C SER A 555 -1.56 40.46 -22.08
N ILE A 556 -1.18 41.51 -21.36
CA ILE A 556 -1.79 42.83 -21.62
C ILE A 556 -1.17 43.44 -22.87
N ASN A 557 -1.83 44.48 -23.36
CA ASN A 557 -1.33 45.31 -24.46
C ASN A 557 -0.92 46.68 -23.90
N GLU A 558 0.39 46.91 -23.89
CA GLU A 558 0.96 48.16 -23.39
C GLU A 558 0.89 49.36 -24.35
N ASN A 559 0.41 49.13 -25.57
CA ASN A 559 0.42 50.12 -26.65
C ASN A 559 -0.89 50.87 -26.78
N LEU A 560 -0.86 52.07 -27.33
CA LEU A 560 -2.08 52.86 -27.48
C LEU A 560 -2.67 52.86 -28.90
N ASP A 561 -1.81 52.74 -29.90
CA ASP A 561 -2.20 52.97 -31.30
CA ASP A 561 -2.23 52.99 -31.28
C ASP A 561 -2.61 51.72 -32.03
N PHE A 562 -2.50 50.57 -31.36
CA PHE A 562 -2.92 49.30 -31.93
C PHE A 562 -3.19 48.30 -30.82
N SER A 563 -3.87 47.23 -31.20
CA SER A 563 -4.02 46.08 -30.33
C SER A 563 -3.79 44.80 -31.14
N PRO A 564 -3.07 43.83 -30.53
CA PRO A 564 -2.94 42.53 -31.17
C PRO A 564 -4.27 41.77 -31.05
N PRO A 565 -4.40 40.65 -31.76
CA PRO A 565 -5.63 39.88 -31.66
C PRO A 565 -5.82 39.33 -30.27
N ALA A 566 -7.06 39.23 -29.79
CA ALA A 566 -7.34 38.55 -28.53
C ALA A 566 -7.26 37.04 -28.74
N THR A 567 -7.65 36.60 -29.93
CA THR A 567 -7.67 35.19 -30.30
C THR A 567 -7.07 34.92 -31.68
N TYR A 568 -6.61 33.68 -31.85
CA TYR A 568 -5.94 33.25 -33.08
C TYR A 568 -6.43 31.88 -33.50
N THR A 569 -6.35 31.59 -34.80
CA THR A 569 -6.43 30.25 -35.35
CA THR A 569 -6.37 30.21 -35.26
C THR A 569 -5.07 29.98 -36.02
N ASN A 570 -4.99 28.91 -36.80
CA ASN A 570 -3.74 28.66 -37.54
C ASN A 570 -3.93 28.70 -39.06
N LYS A 571 -2.87 28.36 -39.77
CA LYS A 571 -2.79 28.29 -41.22
C LYS A 571 -2.07 27.00 -41.58
N ALA A 572 -2.25 26.56 -42.83
CA ALA A 572 -1.69 25.30 -43.30
C ALA A 572 -0.18 25.15 -43.07
N ASN A 573 0.56 26.26 -43.12
CA ASN A 573 2.02 26.21 -42.98
C ASN A 573 2.48 26.21 -41.54
N GLY A 574 1.53 26.18 -40.61
CA GLY A 574 1.88 26.10 -39.20
C GLY A 574 2.01 27.42 -38.49
N GLN A 575 1.81 28.53 -39.20
CA GLN A 575 1.69 29.82 -38.55
C GLN A 575 0.36 29.96 -37.79
N LEU A 576 0.37 30.72 -36.70
CA LEU A 576 -0.86 31.28 -36.12
C LEU A 576 -1.21 32.57 -36.84
N VAL A 577 -2.51 32.85 -36.90
CA VAL A 577 -3.05 34.06 -37.51
C VAL A 577 -4.24 34.57 -36.71
N GLY A 578 -4.32 35.88 -36.54
CA GLY A 578 -5.47 36.51 -35.89
C GLY A 578 -5.65 37.92 -36.35
N VAL A 579 -6.84 38.46 -36.10
CA VAL A 579 -7.17 39.83 -36.51
C VAL A 579 -7.12 40.78 -35.30
N GLY A 580 -6.22 41.74 -35.37
CA GLY A 580 -6.10 42.83 -34.40
C GLY A 580 -6.55 44.13 -35.02
N TYR A 581 -6.17 45.24 -34.40
CA TYR A 581 -6.64 46.54 -34.87
C TYR A 581 -5.53 47.60 -34.84
N ASN A 582 -5.28 48.21 -36.01
CA ASN A 582 -4.33 49.30 -36.17
C ASN A 582 -5.08 50.64 -36.20
N GLU A 583 -5.05 51.40 -35.11
CA GLU A 583 -5.73 52.71 -35.10
C GLU A 583 -5.03 53.61 -36.11
N ILE A 584 -3.71 53.52 -36.09
CA ILE A 584 -2.83 54.09 -37.10
C ILE A 584 -2.18 52.92 -37.82
N GLY A 585 -1.90 53.09 -39.11
CA GLY A 585 -1.20 52.07 -39.88
C GLY A 585 0.20 51.84 -39.36
N GLY A 586 0.80 50.72 -39.77
CA GLY A 586 2.18 50.38 -39.40
C GLY A 586 2.34 48.91 -39.09
N VAL A 587 3.45 48.33 -39.53
CA VAL A 587 3.81 46.97 -39.12
C VAL A 587 4.08 46.96 -37.61
N ARG A 588 3.46 46.00 -36.93
CA ARG A 588 3.62 45.83 -35.50
C ARG A 588 4.33 44.54 -35.21
N SER A 589 5.08 44.49 -34.13
CA SER A 589 5.76 43.26 -33.74
C SER A 589 5.70 43.11 -32.22
N VAL A 590 5.19 41.98 -31.75
CA VAL A 590 5.01 41.76 -30.32
C VAL A 590 5.34 40.33 -29.93
N SER A 591 5.76 40.18 -28.68
CA SER A 591 6.00 38.87 -28.09
CA SER A 591 6.00 38.88 -28.10
C SER A 591 5.00 38.72 -26.97
N VAL A 592 4.10 37.75 -27.13
CA VAL A 592 2.94 37.62 -26.28
C VAL A 592 2.89 36.21 -25.66
N ARG A 593 2.27 36.14 -24.50
CA ARG A 593 2.02 34.84 -23.87
C ARG A 593 0.65 34.41 -24.30
N LEU A 594 0.58 33.23 -24.91
CA LEU A 594 -0.68 32.65 -25.40
C LEU A 594 -1.02 31.33 -24.72
N MET A 595 -2.31 31.10 -24.55
CA MET A 595 -2.80 29.77 -24.26
C MET A 595 -3.03 29.09 -25.61
N LEU A 596 -2.25 28.05 -25.90
CA LEU A 596 -2.39 27.25 -27.12
C LEU A 596 -3.38 26.14 -26.85
N GLN A 597 -4.37 25.99 -27.73
CA GLN A 597 -5.45 25.03 -27.57
C GLN A 597 -5.60 24.13 -28.79
N ARG A 598 -5.84 22.85 -28.54
CA ARG A 598 -6.07 21.87 -29.60
C ARG A 598 -7.28 21.04 -29.21
N GLN A 599 -8.39 21.31 -29.89
CA GLN A 599 -9.64 20.57 -29.79
C GLN A 599 -10.34 20.69 -28.43
N VAL A 600 -9.89 21.66 -27.64
CA VAL A 600 -10.46 21.96 -26.34
C VAL A 600 -10.66 23.45 -26.24
C1 NAG B . 6.55 -8.99 -0.71
C2 NAG B . 6.15 -10.38 -0.22
C3 NAG B . 6.25 -11.34 -1.40
C4 NAG B . 5.30 -10.85 -2.51
C5 NAG B . 5.64 -9.40 -2.87
C6 NAG B . 4.57 -8.86 -3.76
C7 NAG B . 6.56 -11.10 2.11
C8 NAG B . 7.63 -11.40 3.17
N2 NAG B . 7.02 -10.75 0.91
O1 NAG B . 6.40 -8.07 0.36
O1 NAG B . 7.88 -8.96 -1.20
O3 NAG B . 5.70 -12.76 -0.99
O4 NAG B . 5.40 -11.68 -3.69
O5 NAG B . 5.63 -8.59 -1.71
O6 NAG B . 5.18 -7.83 -4.55
O7 NAG B . 5.36 -11.21 2.37
C1 GAL B . 6.50 -13.77 -1.62
C2 GAL B . 5.67 -15.01 -1.57
C3 GAL B . 5.47 -15.38 -0.13
C4 GAL B . 6.77 -15.36 0.67
C5 GAL B . 7.55 -14.04 0.46
C6 GAL B . 8.94 -14.15 1.03
O2 GAL B . 4.40 -14.73 -2.18
O3 GAL B . 4.89 -16.68 -0.17
O4 GAL B . 7.68 -16.70 -0.05
O5 GAL B . 7.73 -13.83 -0.92
O6 GAL B . 8.91 -14.51 2.38
C1 GLC B . 8.30 -17.50 0.96
C2 GLC B . 9.34 -18.35 0.23
C3 GLC B . 8.65 -19.32 -0.75
C4 GLC B . 7.58 -20.08 0.01
C5 GLC B . 6.59 -19.08 0.62
C6 GLC B . 5.41 -19.67 1.35
O2 GLC B . 10.21 -17.49 -0.49
O3 GLC B . 9.62 -20.23 -1.33
O4 GLC B . 6.87 -20.95 -0.88
O5 GLC B . 7.29 -18.26 1.59
O6 GLC B . 5.98 -20.73 2.49
C1 RAM B . 5.70 -22.10 2.21
C2 RAM B . 6.62 -22.87 3.13
C3 RAM B . 6.21 -22.72 4.60
C4 RAM B . 4.66 -22.93 4.78
C5 RAM B . 3.89 -22.03 3.79
C6 RAM B . 2.39 -22.32 3.79
O2 RAM B . 6.57 -24.24 2.76
O3 RAM B . 6.97 -23.71 5.34
O4 RAM B . 4.29 -22.62 6.14
O5 RAM B . 4.30 -22.30 2.44
C1 NAG B . 3.40 -16.64 0.36
C2 NAG B . 2.79 -17.91 -0.24
C3 NAG B . 1.39 -18.14 0.33
C4 NAG B . 1.31 -17.88 1.87
C5 NAG B . 2.04 -16.57 2.20
C6 NAG B . 2.09 -16.27 3.66
C7 NAG B . 3.62 -18.29 -2.54
C7 NAG B . 3.22 -18.67 -2.57
C8 NAG B . 3.35 -18.01 -4.03
C8 NAG B . 3.08 -18.31 -4.05
N2 NAG B . 2.72 -17.75 -1.72
N2 NAG B . 2.74 -17.75 -1.72
O3 NAG B . 0.95 -19.46 -0.04
O4 NAG B . -0.06 -17.78 2.26
O5 NAG B . 3.42 -16.63 1.78
O6 NAG B . 2.87 -17.26 4.31
O7 NAG B . 4.59 -18.94 -2.16
O7 NAG B . 3.73 -19.72 -2.21
C1 GLC B . 6.03 -8.38 -6.08
C2 GLC B . 6.70 -7.14 -6.61
C3 GLC B . 5.67 -6.07 -6.97
C4 GLC B . 4.56 -6.67 -7.83
C5 GLC B . 3.86 -7.88 -7.16
C6 GLC B . 2.82 -8.58 -8.08
O2 GLC B . 7.61 -6.61 -5.63
O3 GLC B . 6.35 -5.04 -7.67
O4 GLC B . 3.58 -5.66 -8.05
O5 GLC B . 4.88 -8.85 -6.78
O6 GLC B . 3.46 -9.05 -9.26
CA CA C . 7.43 -25.88 4.45
CL CL D . -4.48 10.41 -31.57
K K E . 8.65 -22.73 7.74
C1 GOL F . -23.93 -28.96 35.49
O1 GOL F . -23.66 -28.66 36.84
C2 GOL F . -22.67 -29.29 34.70
O2 GOL F . -21.88 -28.13 34.51
C3 GOL F . -23.03 -29.89 33.36
O3 GOL F . -21.85 -30.36 32.73
C1 GOL G . -16.68 -9.21 -8.81
O1 GOL G . -16.96 -9.76 -10.08
C2 GOL G . -17.07 -7.74 -8.72
O2 GOL G . -18.45 -7.62 -8.91
C3 GOL G . -16.35 -6.85 -9.73
O3 GOL G . -14.95 -6.86 -9.51
C1 GOL H . -8.35 3.20 -28.70
O1 GOL H . -7.45 3.79 -29.60
C2 GOL H . -9.47 4.16 -28.32
O2 GOL H . -10.26 3.51 -27.37
C3 GOL H . -10.36 4.55 -29.49
O3 GOL H . -11.41 5.36 -28.99
C1 GOL I . -13.54 -24.74 29.69
O1 GOL I . -14.23 -25.70 30.43
C2 GOL I . -14.47 -24.01 28.74
O2 GOL I . -15.14 -24.91 27.89
C3 GOL I . -13.57 -23.10 27.94
O3 GOL I . -14.35 -22.12 27.34
C1 GOL J . -6.99 17.66 -37.06
O1 GOL J . -5.83 18.31 -36.62
C2 GOL J . -8.15 17.69 -36.05
O2 GOL J . -9.21 16.97 -36.63
C3 GOL J . -8.59 19.10 -35.66
O3 GOL J . -9.22 19.77 -36.74
C1 GOL K . 5.52 36.93 -23.16
O1 GOL K . 5.86 35.64 -22.67
C2 GOL K . 6.37 38.01 -22.52
O2 GOL K . 5.92 39.28 -22.92
C3 GOL K . 7.81 37.80 -22.95
O3 GOL K . 7.97 38.12 -24.31
C1 GOL L . -13.03 14.61 -13.95
O1 GOL L . -13.91 13.82 -14.71
C2 GOL L . -12.55 15.88 -14.67
O2 GOL L . -11.23 15.70 -15.14
C3 GOL L . -12.62 17.14 -13.79
O3 GOL L . -11.85 18.19 -14.32
#